data_5XTX
#
_entry.id   5XTX
#
_cell.length_a   101.201
_cell.length_b   185.345
_cell.length_c   98.957
_cell.angle_alpha   90.00
_cell.angle_beta   90.00
_cell.angle_gamma   90.00
#
_symmetry.space_group_name_H-M   'C 2 2 21'
#
loop_
_entity.id
_entity.type
_entity.pdbx_description
1 polymer Transketolase
2 non-polymer 'CALCIUM ION'
3 non-polymer DI(HYDROXYETHYL)ETHER
4 non-polymer '2-[3-[(4-azanyl-2-methyl-pyrimidin-5-yl)methyl]-4-methylidene-2-[(2S,3S,4R,5R)-1,2,3,4,5-pentakis(oxidanyl)-6-phosphonooxy-hexan-2-yl]-1,3-thiazolidin-5-yl]ethyl phosphono hydrogen phosphate'
5 water water
#
_entity_poly.entity_id   1
_entity_poly.type   'polypeptide(L)'
_entity_poly.pdbx_seq_one_letter_code
;MGSSHHHHHHSSGLVPRGSHMSSVDQKAISTIRLLAVDAVAAANSGHPGAPLGLAPAAHAVFKKMRFNPKDTKWINRDRF
VLSNGHACALLYSMLVLYGYDLTVEDLKKFRQLGSKTPGHPENTDVPGAEVTTGPLGQGICNGVGIALAQAQFAATYNKP
DFPISDSYTYVFLGDGCLMEGVSSEASSLAGHLQLGNLIAFWDDNKISIDGSTEVAFTEDVIARYKSYGWHIVEVSDADT
DITAIAAAIDEAKKVTNKPTLVRLTTTIGFGSLAQGTHGVHGAPLKADDIKQLKTKWGFNPEESFAVPAEVTASYNEHVA
ENQKIQQQWNELFAAYKQKYPELGAELQRRLDGKLPENWDKALPVYTPADAAVATRKLSEIVLSKIIPEVPEIIGGSADL
TPSNLTKAKGTVDFQPAATGLGDYSGRYIRYGVREHAMGAIMNGIAAFGANYKNYGGTFLNFVSYAAGAVRLSALSEFPI
TWVATHDSIGLGEDGPTHQPIETLAHFRATPNISVWRPADGNETSAAYKSAIESTHTPHILALTRQNLPQLEGSSIEKAS
KGGYTLVQQDKADIIIVATGSEVSLAVDALKVLEGQGIKAGVVSLPDQLTFDKQSEEYKLSVLPDGVPILSVEVMSTFGW
SKYSHQQFGLNRFGASGKAPEIFKLFEFTPEGVAERAAKTVAFYKGKDVVSPLRSAF
;
_entity_poly.pdbx_strand_id   A
#
loop_
_chem_comp.id
_chem_comp.type
_chem_comp.name
_chem_comp.formula
8ML non-polymer '2-[3-[(4-azanyl-2-methyl-pyrimidin-5-yl)methyl]-4-methylidene-2-[(2S,3S,4R,5R)-1,2,3,4,5-pentakis(oxidanyl)-6-phosphonooxy-hexan-2-yl]-1,3-thiazolidin-5-yl]ethyl phosphono hydrogen phosphate' 'C18 H33 N4 O16 P3 S'
CA non-polymer 'CALCIUM ION' 'Ca 2'
PEG non-polymer DI(HYDROXYETHYL)ETHER 'C4 H10 O3'
#
# COMPACT_ATOMS: atom_id res chain seq x y z
N SER A 23 -11.22 25.23 -31.41
CA SER A 23 -12.35 24.45 -30.92
C SER A 23 -12.39 24.47 -29.37
N VAL A 24 -13.49 23.96 -28.82
CA VAL A 24 -13.56 23.89 -27.37
C VAL A 24 -12.54 22.89 -26.81
N ASP A 25 -12.29 21.78 -27.52
CA ASP A 25 -11.25 20.84 -27.08
C ASP A 25 -9.89 21.52 -27.04
N GLN A 26 -9.56 22.33 -28.07
CA GLN A 26 -8.29 23.04 -28.05
C GLN A 26 -8.24 24.02 -26.89
N LYS A 27 -9.35 24.72 -26.65
CA LYS A 27 -9.40 25.65 -25.54
C LYS A 27 -9.24 24.91 -24.20
N ALA A 28 -9.86 23.74 -24.05
CA ALA A 28 -9.72 22.97 -22.82
C ALA A 28 -8.26 22.57 -22.58
N ILE A 29 -7.60 22.09 -23.63
CA ILE A 29 -6.19 21.69 -23.50
C ILE A 29 -5.33 22.87 -23.09
N SER A 30 -5.54 24.02 -23.72
CA SER A 30 -4.79 25.22 -23.31
C SER A 30 -5.08 25.61 -21.87
N THR A 31 -6.36 25.51 -21.45
CA THR A 31 -6.74 25.83 -20.09
C THR A 31 -5.98 24.95 -19.10
N ILE A 32 -5.97 23.64 -19.36
CA ILE A 32 -5.26 22.68 -18.50
C ILE A 32 -3.78 23.07 -18.40
N ARG A 33 -3.16 23.27 -19.56
CA ARG A 33 -1.74 23.62 -19.59
C ARG A 33 -1.45 24.85 -18.76
N LEU A 34 -2.28 25.87 -18.94
CA LEU A 34 -2.03 27.14 -18.28
C LEU A 34 -2.38 27.13 -16.80
N LEU A 35 -3.41 26.36 -16.39
CA LEU A 35 -3.64 26.18 -14.97
C LEU A 35 -2.42 25.55 -14.32
N ALA A 36 -1.86 24.52 -14.97
CA ALA A 36 -0.73 23.82 -14.36
C ALA A 36 0.49 24.75 -14.24
N VAL A 37 0.76 25.49 -15.31
N VAL A 37 0.81 25.50 -15.30
CA VAL A 37 1.88 26.42 -15.34
CA VAL A 37 1.97 26.36 -15.20
C VAL A 37 1.69 27.51 -14.30
C VAL A 37 1.72 27.53 -14.25
N ASP A 38 0.48 28.05 -14.19
CA ASP A 38 0.19 29.11 -13.21
C ASP A 38 0.30 28.60 -11.78
N ALA A 39 -0.08 27.34 -11.54
CA ALA A 39 0.05 26.77 -10.19
C ALA A 39 1.52 26.68 -9.80
N VAL A 40 2.35 26.15 -10.70
CA VAL A 40 3.79 26.08 -10.45
C VAL A 40 4.37 27.47 -10.23
N ALA A 41 3.89 28.45 -11.03
CA ALA A 41 4.39 29.81 -10.90
C ALA A 41 4.05 30.40 -9.55
N ALA A 42 2.84 30.19 -9.07
CA ALA A 42 2.39 30.74 -7.80
C ALA A 42 3.22 30.17 -6.65
N ALA A 43 3.56 28.89 -6.72
CA ALA A 43 4.35 28.24 -5.68
C ALA A 43 5.82 28.58 -5.81
N ASN A 44 6.24 29.02 -6.99
CA ASN A 44 7.64 29.09 -7.37
C ASN A 44 8.35 27.78 -7.05
N SER A 45 7.67 26.68 -7.36
CA SER A 45 8.15 25.35 -7.08
C SER A 45 7.28 24.38 -7.87
N GLY A 46 7.90 23.32 -8.37
CA GLY A 46 7.17 22.24 -9.01
C GLY A 46 7.54 22.06 -10.46
N HIS A 47 6.70 21.28 -11.13
CA HIS A 47 7.11 20.57 -12.36
C HIS A 47 6.14 20.92 -13.47
N PRO A 48 6.52 21.81 -14.41
CA PRO A 48 5.61 22.21 -15.48
C PRO A 48 5.73 21.36 -16.75
N GLY A 49 6.83 20.62 -16.91
CA GLY A 49 7.13 20.02 -18.19
C GLY A 49 6.17 18.92 -18.59
N ALA A 50 6.03 17.90 -17.75
CA ALA A 50 5.14 16.81 -18.09
C ALA A 50 3.68 17.25 -18.13
N PRO A 51 3.21 18.17 -17.27
CA PRO A 51 1.84 18.66 -17.45
C PRO A 51 1.62 19.27 -18.81
N LEU A 52 2.56 20.09 -19.31
CA LEU A 52 2.43 20.67 -20.63
C LEU A 52 2.35 19.60 -21.71
N GLY A 53 3.22 18.57 -21.59
CA GLY A 53 3.27 17.52 -22.59
C GLY A 53 2.06 16.60 -22.57
N LEU A 54 1.48 16.37 -21.39
CA LEU A 54 0.43 15.37 -21.23
C LEU A 54 -0.97 15.98 -21.21
N ALA A 55 -1.13 17.30 -21.31
CA ALA A 55 -2.48 17.86 -21.27
C ALA A 55 -3.38 17.32 -22.38
N PRO A 56 -2.94 17.15 -23.63
CA PRO A 56 -3.85 16.58 -24.63
C PRO A 56 -4.33 15.20 -24.22
N ALA A 57 -3.41 14.35 -23.79
CA ALA A 57 -3.78 13.01 -23.38
C ALA A 57 -4.71 13.03 -22.17
N ALA A 58 -4.44 13.90 -21.18
CA ALA A 58 -5.31 13.96 -20.03
C ALA A 58 -6.72 14.37 -20.44
N HIS A 59 -6.83 15.37 -21.32
CA HIS A 59 -8.14 15.77 -21.82
C HIS A 59 -8.84 14.59 -22.47
N ALA A 60 -8.13 13.88 -23.36
CA ALA A 60 -8.76 12.78 -24.09
C ALA A 60 -9.18 11.64 -23.16
N VAL A 61 -8.32 11.28 -22.21
CA VAL A 61 -8.65 10.17 -21.33
CA VAL A 61 -8.61 10.19 -21.30
C VAL A 61 -9.80 10.52 -20.41
N PHE A 62 -9.79 11.71 -19.80
CA PHE A 62 -10.89 12.04 -18.92
C PHE A 62 -12.21 12.13 -19.68
N LYS A 63 -12.20 12.53 -20.95
CA LYS A 63 -13.41 12.51 -21.77
CA LYS A 63 -13.45 12.52 -21.72
C LYS A 63 -13.97 11.11 -21.93
N LYS A 64 -13.11 10.09 -21.95
CA LYS A 64 -13.53 8.71 -22.09
C LYS A 64 -13.90 8.07 -20.75
N MET A 65 -13.44 8.62 -19.65
CA MET A 65 -13.65 8.00 -18.34
CA MET A 65 -13.64 8.03 -18.33
C MET A 65 -15.04 8.29 -17.81
N ARG A 66 -15.54 7.29 -17.07
CA ARG A 66 -16.76 7.39 -16.29
C ARG A 66 -16.42 7.63 -14.82
N PHE A 67 -16.90 8.74 -14.26
CA PHE A 67 -16.58 9.14 -12.91
C PHE A 67 -17.63 10.15 -12.48
N ASN A 68 -17.79 10.30 -11.16
CA ASN A 68 -18.68 11.30 -10.58
C ASN A 68 -17.86 12.16 -9.64
N PRO A 69 -17.65 13.44 -9.94
N PRO A 69 -17.61 13.42 -9.97
CA PRO A 69 -16.88 14.31 -9.03
CA PRO A 69 -16.89 14.32 -9.05
C PRO A 69 -17.58 14.56 -7.72
C PRO A 69 -17.54 14.42 -7.69
N LYS A 70 -18.87 14.22 -7.63
CA LYS A 70 -19.62 14.30 -6.39
C LYS A 70 -19.75 12.96 -5.69
N ASP A 71 -19.18 11.89 -6.26
CA ASP A 71 -19.14 10.60 -5.56
C ASP A 71 -17.86 9.90 -5.99
N THR A 72 -16.78 10.22 -5.29
CA THR A 72 -15.48 9.72 -5.60
C THR A 72 -15.34 8.23 -5.33
N LYS A 73 -16.31 7.61 -4.66
CA LYS A 73 -16.21 6.22 -4.28
C LYS A 73 -17.15 5.31 -5.07
N TRP A 74 -17.82 5.81 -6.13
CA TRP A 74 -18.66 4.96 -6.95
C TRP A 74 -17.88 3.74 -7.39
N ILE A 75 -18.36 2.53 -7.07
CA ILE A 75 -17.48 1.39 -7.22
C ILE A 75 -17.24 0.99 -8.67
N ASN A 76 -18.12 1.42 -9.58
CA ASN A 76 -17.94 1.13 -11.01
C ASN A 76 -17.34 2.30 -11.79
N ARG A 77 -16.72 3.27 -11.11
CA ARG A 77 -16.01 4.30 -11.82
C ARG A 77 -14.80 3.73 -12.54
N ASP A 78 -14.43 4.35 -13.66
CA ASP A 78 -13.06 4.14 -14.15
C ASP A 78 -12.10 4.80 -13.19
N ARG A 79 -10.93 4.20 -12.99
CA ARG A 79 -9.90 4.79 -12.15
C ARG A 79 -8.80 5.39 -13.03
N PHE A 80 -8.23 6.49 -12.56
CA PHE A 80 -7.08 7.12 -13.16
C PHE A 80 -5.95 7.19 -12.13
N VAL A 81 -4.74 6.84 -12.56
CA VAL A 81 -3.56 6.95 -11.72
C VAL A 81 -2.48 7.72 -12.44
N LEU A 82 -1.98 8.77 -11.77
CA LEU A 82 -0.85 9.54 -12.28
C LEU A 82 0.42 8.95 -11.64
N SER A 83 1.07 7.99 -12.31
CA SER A 83 2.24 7.33 -11.75
C SER A 83 3.45 8.26 -11.72
N ASN A 84 3.53 9.17 -12.71
CA ASN A 84 4.54 10.22 -12.73
C ASN A 84 4.03 11.36 -11.86
N GLY A 85 4.04 11.15 -10.54
CA GLY A 85 3.31 12.00 -9.62
C GLY A 85 3.79 13.43 -9.54
N HIS A 86 5.06 13.67 -9.93
CA HIS A 86 5.54 15.04 -10.00
C HIS A 86 4.73 15.90 -10.95
N ALA A 87 4.03 15.27 -11.90
CA ALA A 87 3.19 15.98 -12.84
C ALA A 87 1.82 16.35 -12.25
N CYS A 88 1.69 16.35 -10.91
CA CYS A 88 0.37 16.48 -10.34
CA CYS A 88 0.43 16.54 -10.21
C CYS A 88 -0.29 17.82 -10.56
N ALA A 89 0.39 18.90 -10.97
CA ALA A 89 -0.36 20.09 -11.33
C ALA A 89 -1.34 19.76 -12.45
N LEU A 90 -1.00 18.78 -13.32
CA LEU A 90 -1.93 18.33 -14.35
C LEU A 90 -3.17 17.65 -13.75
N LEU A 91 -2.96 16.70 -12.82
CA LEU A 91 -4.08 16.02 -12.18
C LEU A 91 -4.96 17.02 -11.45
N TYR A 92 -4.36 17.92 -10.67
CA TYR A 92 -5.17 18.87 -9.92
C TYR A 92 -5.99 19.74 -10.87
N SER A 93 -5.40 20.15 -11.99
CA SER A 93 -6.14 20.96 -12.96
C SER A 93 -7.34 20.20 -13.49
N MET A 94 -7.18 18.92 -13.82
CA MET A 94 -8.32 18.13 -14.28
C MET A 94 -9.42 18.05 -13.23
N LEU A 95 -9.02 17.79 -11.98
CA LEU A 95 -10.00 17.65 -10.91
C LEU A 95 -10.75 18.96 -10.69
N VAL A 96 -10.05 20.09 -10.73
CA VAL A 96 -10.69 21.38 -10.59
C VAL A 96 -11.66 21.61 -11.74
N LEU A 97 -11.22 21.36 -12.98
CA LEU A 97 -12.07 21.65 -14.14
C LEU A 97 -13.34 20.81 -14.12
N TYR A 98 -13.27 19.58 -13.63
CA TYR A 98 -14.41 18.69 -13.56
C TYR A 98 -15.25 18.87 -12.30
N GLY A 99 -14.90 19.80 -11.40
CA GLY A 99 -15.79 20.06 -10.28
C GLY A 99 -15.72 19.04 -9.17
N TYR A 100 -14.58 18.38 -9.01
CA TYR A 100 -14.29 17.69 -7.76
C TYR A 100 -14.24 18.73 -6.64
N ASP A 101 -14.06 18.26 -5.40
CA ASP A 101 -13.97 19.12 -4.22
C ASP A 101 -12.57 19.71 -4.09
N LEU A 102 -12.20 20.48 -5.12
CA LEU A 102 -10.88 21.07 -5.31
C LEU A 102 -11.15 22.26 -6.23
N THR A 103 -10.63 23.45 -5.88
CA THR A 103 -10.98 24.64 -6.60
C THR A 103 -9.74 25.36 -7.12
N VAL A 104 -9.98 26.41 -7.92
CA VAL A 104 -8.89 27.27 -8.32
C VAL A 104 -8.18 27.87 -7.11
N GLU A 105 -8.92 28.18 -6.04
CA GLU A 105 -8.26 28.71 -4.85
C GLU A 105 -7.30 27.69 -4.25
N ASP A 106 -7.64 26.40 -4.32
CA ASP A 106 -6.69 25.37 -3.91
C ASP A 106 -5.48 25.33 -4.84
N LEU A 107 -5.68 25.49 -6.15
CA LEU A 107 -4.53 25.50 -7.05
CA LEU A 107 -4.54 25.53 -7.09
C LEU A 107 -3.60 26.67 -6.77
N LYS A 108 -4.12 27.80 -6.33
CA LYS A 108 -3.29 28.92 -5.97
C LYS A 108 -2.42 28.61 -4.76
N LYS A 109 -2.77 27.60 -3.97
CA LYS A 109 -2.06 27.16 -2.80
C LYS A 109 -1.26 25.87 -3.08
N PHE A 110 -0.96 25.59 -4.34
CA PHE A 110 -0.12 24.46 -4.71
C PHE A 110 1.16 24.50 -3.90
N ARG A 111 1.51 23.36 -3.32
CA ARG A 111 2.79 23.18 -2.62
C ARG A 111 2.91 24.04 -1.36
N GLN A 112 1.80 24.59 -0.86
CA GLN A 112 1.84 25.38 0.37
C GLN A 112 1.35 24.59 1.55
N LEU A 113 1.97 24.88 2.71
CA LEU A 113 1.70 24.09 3.90
C LEU A 113 0.20 24.03 4.18
N GLY A 114 -0.29 22.80 4.37
CA GLY A 114 -1.68 22.57 4.71
C GLY A 114 -2.65 22.55 3.55
N SER A 115 -2.20 22.77 2.31
CA SER A 115 -3.15 22.85 1.20
C SER A 115 -3.64 21.45 0.78
N LYS A 116 -4.72 21.49 -0.05
CA LYS A 116 -5.24 20.30 -0.70
C LYS A 116 -4.53 20.00 -2.00
N THR A 117 -3.44 20.72 -2.29
CA THR A 117 -2.69 20.57 -3.52
C THR A 117 -1.21 20.37 -3.20
N PRO A 118 -0.87 19.28 -2.51
CA PRO A 118 0.54 19.04 -2.17
C PRO A 118 1.37 18.75 -3.40
N GLY A 119 2.70 18.83 -3.23
CA GLY A 119 3.63 18.68 -4.34
C GLY A 119 3.67 17.35 -5.03
N HIS A 120 3.14 16.30 -4.41
CA HIS A 120 2.88 15.01 -5.06
C HIS A 120 1.50 14.57 -4.55
N PRO A 121 0.73 13.83 -5.32
CA PRO A 121 -0.65 13.56 -4.91
C PRO A 121 -0.72 12.59 -3.75
N GLU A 122 -1.61 12.88 -2.81
CA GLU A 122 -1.85 12.04 -1.64
CA GLU A 122 -1.86 12.09 -1.60
C GLU A 122 -3.32 11.69 -1.58
N ASN A 123 -3.62 10.40 -1.56
CA ASN A 123 -5.01 9.95 -1.53
C ASN A 123 -5.72 10.38 -0.27
N THR A 124 -5.02 10.57 0.84
CA THR A 124 -5.72 10.96 2.06
C THR A 124 -6.21 12.40 1.99
N ASP A 125 -5.61 13.25 1.16
CA ASP A 125 -5.74 14.70 1.16
C ASP A 125 -6.47 15.25 -0.06
N VAL A 126 -6.35 14.57 -1.20
CA VAL A 126 -6.75 15.11 -2.49
C VAL A 126 -7.96 14.33 -2.99
N PRO A 127 -9.12 14.95 -3.07
CA PRO A 127 -10.30 14.26 -3.65
C PRO A 127 -10.01 13.90 -5.11
N GLY A 128 -10.25 12.62 -5.49
CA GLY A 128 -9.93 12.17 -6.83
C GLY A 128 -8.54 11.61 -7.03
N ALA A 129 -7.68 11.64 -6.01
CA ALA A 129 -6.39 10.95 -6.07
C ALA A 129 -6.60 9.55 -5.51
N GLU A 130 -6.51 8.53 -6.37
CA GLU A 130 -6.82 7.17 -5.94
C GLU A 130 -5.76 6.59 -5.02
N VAL A 131 -4.51 6.99 -5.25
CA VAL A 131 -3.34 6.48 -4.56
C VAL A 131 -2.39 7.63 -4.36
N THR A 132 -1.34 7.38 -3.58
CA THR A 132 -0.28 8.36 -3.34
C THR A 132 0.91 8.04 -4.23
N THR A 133 1.29 8.98 -5.07
CA THR A 133 2.41 8.79 -5.97
C THR A 133 3.45 9.89 -5.72
N GLY A 134 4.54 9.86 -6.50
CA GLY A 134 5.72 10.69 -6.21
C GLY A 134 6.97 9.85 -6.19
N PRO A 135 6.95 8.73 -5.47
CA PRO A 135 8.02 7.73 -5.59
C PRO A 135 7.79 6.98 -6.90
N LEU A 136 8.74 7.11 -7.81
CA LEU A 136 8.54 6.60 -9.17
C LEU A 136 8.37 5.09 -9.18
N GLY A 137 7.57 4.63 -10.13
CA GLY A 137 7.30 3.24 -10.33
C GLY A 137 6.06 2.74 -9.62
N GLN A 138 5.65 3.40 -8.55
CA GLN A 138 4.58 2.87 -7.70
C GLN A 138 3.21 2.89 -8.40
N GLY A 139 2.87 4.02 -9.02
CA GLY A 139 1.52 4.18 -9.51
C GLY A 139 1.13 3.16 -10.56
N ILE A 140 2.01 2.82 -11.50
CA ILE A 140 1.65 1.81 -12.47
C ILE A 140 1.36 0.49 -11.78
N CYS A 141 2.15 0.13 -10.75
CA CYS A 141 1.88 -1.09 -10.00
C CYS A 141 0.57 -1.01 -9.25
N ASN A 142 0.28 0.17 -8.67
CA ASN A 142 -1.02 0.36 -8.05
C ASN A 142 -2.14 0.15 -9.07
N GLY A 143 -1.94 0.63 -10.31
CA GLY A 143 -2.91 0.41 -11.35
C GLY A 143 -3.10 -1.06 -11.68
N VAL A 144 -2.00 -1.83 -11.70
CA VAL A 144 -2.13 -3.27 -11.84
C VAL A 144 -3.02 -3.84 -10.74
N GLY A 145 -2.82 -3.40 -9.49
CA GLY A 145 -3.66 -3.88 -8.40
C GLY A 145 -5.11 -3.45 -8.49
N ILE A 146 -5.37 -2.21 -8.91
CA ILE A 146 -6.77 -1.79 -9.11
C ILE A 146 -7.40 -2.67 -10.17
N ALA A 147 -6.68 -2.95 -11.25
CA ALA A 147 -7.22 -3.77 -12.33
C ALA A 147 -7.39 -5.23 -11.92
N LEU A 148 -6.48 -5.75 -11.11
CA LEU A 148 -6.59 -7.11 -10.56
C LEU A 148 -7.84 -7.20 -9.72
N ALA A 149 -8.01 -6.25 -8.79
CA ALA A 149 -9.20 -6.22 -7.97
C ALA A 149 -10.46 -6.10 -8.82
N GLN A 150 -10.48 -5.24 -9.82
CA GLN A 150 -11.69 -5.13 -10.64
C GLN A 150 -12.02 -6.45 -11.29
N ALA A 151 -11.02 -7.17 -11.81
CA ALA A 151 -11.29 -8.44 -12.45
C ALA A 151 -11.84 -9.45 -11.45
N GLN A 152 -11.26 -9.49 -10.25
CA GLN A 152 -11.71 -10.44 -9.22
C GLN A 152 -13.13 -10.09 -8.78
N PHE A 153 -13.39 -8.81 -8.58
CA PHE A 153 -14.68 -8.28 -8.16
C PHE A 153 -15.75 -8.62 -9.20
N ALA A 154 -15.48 -8.31 -10.46
CA ALA A 154 -16.42 -8.60 -11.53
C ALA A 154 -16.70 -10.10 -11.61
N ALA A 155 -15.67 -10.93 -11.50
CA ALA A 155 -15.87 -12.37 -11.57
C ALA A 155 -16.73 -12.85 -10.41
N THR A 156 -16.61 -12.22 -9.25
CA THR A 156 -17.35 -12.59 -8.06
C THR A 156 -18.82 -12.20 -8.16
N TYR A 157 -19.13 -11.02 -8.69
CA TYR A 157 -20.47 -10.48 -8.63
C TYR A 157 -21.22 -10.43 -9.96
N ASN A 158 -20.58 -10.23 -11.09
CA ASN A 158 -21.36 -10.02 -12.31
C ASN A 158 -22.18 -11.26 -12.62
N LYS A 159 -23.35 -11.02 -13.24
CA LYS A 159 -24.28 -12.07 -13.64
C LYS A 159 -24.83 -11.68 -15.00
N PRO A 160 -25.48 -12.61 -15.71
CA PRO A 160 -26.09 -12.23 -17.00
C PRO A 160 -27.06 -11.05 -16.83
N ASP A 161 -26.93 -10.05 -17.68
CA ASP A 161 -27.72 -8.81 -17.61
C ASP A 161 -27.36 -7.95 -16.40
N PHE A 162 -26.32 -8.30 -15.63
CA PHE A 162 -25.92 -7.52 -14.46
C PHE A 162 -24.43 -7.27 -14.48
N PRO A 163 -23.97 -6.32 -15.32
CA PRO A 163 -22.55 -5.91 -15.32
C PRO A 163 -22.31 -4.95 -14.16
N ILE A 164 -22.28 -5.52 -12.96
CA ILE A 164 -22.04 -4.75 -11.75
C ILE A 164 -20.70 -4.03 -11.83
N SER A 165 -19.67 -4.72 -12.37
CA SER A 165 -18.35 -4.12 -12.48
C SER A 165 -17.81 -4.34 -13.88
N ASP A 166 -17.50 -3.23 -14.55
CA ASP A 166 -16.98 -3.30 -15.90
C ASP A 166 -16.04 -2.14 -16.21
N SER A 167 -15.42 -1.60 -15.18
CA SER A 167 -14.63 -0.40 -15.28
C SER A 167 -13.19 -0.66 -15.70
N TYR A 168 -12.56 0.41 -16.18
CA TYR A 168 -11.19 0.42 -16.66
C TYR A 168 -10.27 1.11 -15.68
N THR A 169 -8.98 0.85 -15.86
CA THR A 169 -7.92 1.46 -15.08
C THR A 169 -6.96 2.13 -16.05
N TYR A 170 -6.88 3.46 -15.97
CA TYR A 170 -6.05 4.26 -16.84
C TYR A 170 -4.87 4.78 -16.05
N VAL A 171 -3.65 4.60 -16.57
CA VAL A 171 -2.44 5.02 -15.84
C VAL A 171 -1.57 5.85 -16.73
N PHE A 172 -1.11 7.01 -16.26
CA PHE A 172 -0.05 7.76 -16.92
C PHE A 172 1.28 7.46 -16.24
N LEU A 173 2.31 7.15 -17.03
N LEU A 173 2.34 7.33 -17.03
CA LEU A 173 3.66 6.96 -16.50
CA LEU A 173 3.65 7.00 -16.49
C LEU A 173 4.67 7.66 -17.38
C LEU A 173 4.71 7.57 -17.40
N GLY A 174 5.88 7.85 -16.84
CA GLY A 174 6.98 8.41 -17.60
C GLY A 174 8.18 7.49 -17.65
N ASP A 175 9.26 8.05 -18.21
CA ASP A 175 10.50 7.27 -18.37
C ASP A 175 11.02 6.79 -17.04
N GLY A 176 10.95 7.62 -16.00
CA GLY A 176 11.46 7.20 -14.70
C GLY A 176 10.74 6.00 -14.15
N CYS A 177 9.42 5.96 -14.32
CA CYS A 177 8.65 4.82 -13.90
C CYS A 177 9.11 3.56 -14.62
N LEU A 178 9.41 3.67 -15.92
CA LEU A 178 9.85 2.54 -16.74
C LEU A 178 11.26 2.08 -16.40
N MET A 179 12.08 2.92 -15.79
CA MET A 179 13.41 2.50 -15.35
C MET A 179 13.37 1.77 -14.02
N GLU A 180 12.39 2.09 -13.16
CA GLU A 180 12.32 1.48 -11.85
C GLU A 180 11.93 0.02 -11.96
N GLY A 181 12.68 -0.87 -11.31
CA GLY A 181 12.42 -2.28 -11.44
C GLY A 181 11.05 -2.72 -10.98
N VAL A 182 10.46 -2.02 -10.02
CA VAL A 182 9.14 -2.42 -9.55
C VAL A 182 8.14 -2.43 -10.68
N SER A 183 8.25 -1.49 -11.63
CA SER A 183 7.29 -1.47 -12.75
C SER A 183 7.48 -2.65 -13.69
N SER A 184 8.71 -3.13 -13.85
CA SER A 184 8.96 -4.33 -14.65
C SER A 184 8.29 -5.54 -14.02
N GLU A 185 8.46 -5.69 -12.70
CA GLU A 185 7.81 -6.78 -11.99
C GLU A 185 6.31 -6.76 -12.24
N ALA A 186 5.69 -5.60 -12.00
CA ALA A 186 4.23 -5.55 -12.11
C ALA A 186 3.78 -5.71 -13.54
N SER A 187 4.55 -5.24 -14.50
CA SER A 187 4.17 -5.33 -15.91
C SER A 187 4.29 -6.77 -16.41
N SER A 188 5.33 -7.49 -15.98
CA SER A 188 5.42 -8.92 -16.29
C SER A 188 4.20 -9.64 -15.75
N LEU A 189 3.86 -9.39 -14.48
CA LEU A 189 2.73 -10.08 -13.87
C LEU A 189 1.41 -9.69 -14.53
N ALA A 190 1.21 -8.40 -14.82
CA ALA A 190 -0.04 -7.97 -15.44
C ALA A 190 -0.25 -8.60 -16.81
N GLY A 191 0.84 -8.74 -17.57
CA GLY A 191 0.76 -9.43 -18.85
C GLY A 191 0.40 -10.89 -18.66
N HIS A 192 1.05 -11.56 -17.71
CA HIS A 192 0.69 -12.94 -17.40
C HIS A 192 -0.78 -13.07 -17.04
N LEU A 193 -1.30 -12.11 -16.25
CA LEU A 193 -2.69 -12.15 -15.78
C LEU A 193 -3.70 -11.67 -16.82
N GLN A 194 -3.24 -11.25 -18.00
CA GLN A 194 -4.14 -10.94 -19.11
C GLN A 194 -5.12 -9.84 -18.72
N LEU A 195 -4.63 -8.80 -18.03
CA LEU A 195 -5.52 -7.77 -17.44
C LEU A 195 -5.92 -6.75 -18.52
N GLY A 196 -6.93 -7.12 -19.29
CA GLY A 196 -7.35 -6.32 -20.43
C GLY A 196 -8.04 -5.03 -20.10
N ASN A 197 -8.43 -4.78 -18.86
CA ASN A 197 -9.02 -3.50 -18.54
C ASN A 197 -8.01 -2.48 -18.03
N LEU A 198 -6.73 -2.82 -18.07
CA LEU A 198 -5.65 -1.90 -17.78
C LEU A 198 -5.14 -1.26 -19.06
N ILE A 199 -5.10 0.07 -19.08
CA ILE A 199 -4.65 0.86 -20.22
C ILE A 199 -3.68 1.90 -19.67
N ALA A 200 -2.41 1.73 -19.99
CA ALA A 200 -1.35 2.60 -19.51
C ALA A 200 -0.85 3.44 -20.67
N PHE A 201 -0.38 4.65 -20.36
CA PHE A 201 0.09 5.62 -21.33
C PHE A 201 1.49 6.04 -20.91
N TRP A 202 2.46 5.79 -21.78
CA TRP A 202 3.85 6.20 -21.59
C TRP A 202 4.07 7.56 -22.20
N ASP A 203 4.49 8.51 -21.36
CA ASP A 203 4.91 9.83 -21.81
C ASP A 203 6.32 9.73 -22.40
N ASP A 204 6.35 9.46 -23.70
CA ASP A 204 7.61 9.23 -24.41
C ASP A 204 8.16 10.57 -24.89
N ASN A 205 8.84 11.24 -23.96
CA ASN A 205 9.37 12.58 -24.21
C ASN A 205 10.89 12.63 -24.23
N LYS A 206 11.56 11.49 -24.01
CA LYS A 206 13.01 11.32 -24.15
C LYS A 206 13.81 12.23 -23.26
N ILE A 207 13.24 12.68 -22.14
CA ILE A 207 13.94 13.59 -21.22
C ILE A 207 13.67 13.16 -19.80
N SER A 208 14.73 13.02 -18.99
CA SER A 208 14.59 12.83 -17.55
C SER A 208 15.47 13.86 -16.86
N ILE A 209 15.70 13.74 -15.56
CA ILE A 209 16.44 14.80 -14.88
C ILE A 209 17.85 14.96 -15.41
N ASP A 210 18.53 13.85 -15.68
CA ASP A 210 19.91 13.89 -16.15
C ASP A 210 20.03 14.22 -17.63
N GLY A 211 18.94 14.54 -18.29
CA GLY A 211 18.97 14.97 -19.68
C GLY A 211 18.31 13.98 -20.60
N SER A 212 18.85 13.84 -21.79
CA SER A 212 18.29 12.92 -22.75
C SER A 212 18.29 11.50 -22.18
N THR A 213 17.25 10.75 -22.48
CA THR A 213 17.26 9.33 -22.17
C THR A 213 18.37 8.57 -22.90
N GLU A 214 18.97 9.16 -23.93
CA GLU A 214 20.11 8.51 -24.57
C GLU A 214 21.26 8.28 -23.59
N VAL A 215 21.33 9.00 -22.45
CA VAL A 215 22.46 8.81 -21.56
C VAL A 215 22.33 7.57 -20.69
N ALA A 216 21.14 6.98 -20.54
CA ALA A 216 20.95 5.91 -19.57
C ALA A 216 19.83 4.95 -19.90
N PHE A 217 19.01 5.22 -20.91
CA PHE A 217 17.73 4.50 -21.08
C PHE A 217 17.45 4.36 -22.57
N THR A 218 18.21 3.45 -23.20
CA THR A 218 18.19 3.25 -24.65
C THR A 218 17.53 1.92 -25.04
N GLU A 219 16.97 1.20 -24.09
CA GLU A 219 16.26 -0.03 -24.38
C GLU A 219 15.08 0.23 -25.30
N ASP A 220 14.63 -0.85 -25.95
CA ASP A 220 13.43 -0.81 -26.79
C ASP A 220 12.25 -1.16 -25.88
N VAL A 221 11.64 -0.11 -25.31
CA VAL A 221 10.55 -0.26 -24.36
C VAL A 221 9.41 -1.04 -24.97
N ILE A 222 9.03 -0.68 -26.21
CA ILE A 222 7.89 -1.35 -26.84
C ILE A 222 8.16 -2.85 -27.01
N ALA A 223 9.37 -3.21 -27.43
CA ALA A 223 9.70 -4.63 -27.57
C ALA A 223 9.64 -5.32 -26.21
N ARG A 224 10.07 -4.64 -25.15
CA ARG A 224 9.98 -5.24 -23.82
C ARG A 224 8.52 -5.45 -23.43
N TYR A 225 7.67 -4.48 -23.65
CA TYR A 225 6.26 -4.66 -23.28
C TYR A 225 5.59 -5.75 -24.10
N LYS A 226 5.94 -5.88 -25.38
CA LYS A 226 5.45 -7.04 -26.15
CA LYS A 226 5.43 -7.03 -26.14
C LYS A 226 5.88 -8.34 -25.50
N SER A 227 7.12 -8.39 -25.00
CA SER A 227 7.63 -9.64 -24.40
C SER A 227 6.86 -10.04 -23.15
N TYR A 228 6.24 -9.05 -22.45
CA TYR A 228 5.40 -9.32 -21.30
C TYR A 228 3.98 -9.77 -21.70
N GLY A 229 3.63 -9.69 -22.98
CA GLY A 229 2.27 -10.00 -23.41
C GLY A 229 1.32 -8.82 -23.38
N TRP A 230 1.84 -7.58 -23.44
CA TRP A 230 0.99 -6.41 -23.56
C TRP A 230 0.69 -6.14 -25.03
N HIS A 231 -0.47 -5.49 -25.24
CA HIS A 231 -0.80 -4.87 -26.53
C HIS A 231 -0.19 -3.50 -26.59
N ILE A 232 0.18 -3.04 -27.77
CA ILE A 232 0.80 -1.72 -27.96
C ILE A 232 -0.01 -0.90 -28.93
N VAL A 233 -0.19 0.39 -28.60
CA VAL A 233 -0.66 1.37 -29.57
C VAL A 233 0.34 2.52 -29.55
N GLU A 234 0.76 3.01 -30.70
CA GLU A 234 1.68 4.14 -30.74
CA GLU A 234 1.69 4.13 -30.77
C GLU A 234 0.99 5.36 -31.31
N VAL A 235 1.14 6.48 -30.62
CA VAL A 235 0.62 7.77 -31.05
C VAL A 235 1.80 8.69 -31.28
N SER A 236 2.18 8.89 -32.53
CA SER A 236 3.44 9.59 -32.80
C SER A 236 3.35 11.07 -32.62
N ASP A 237 2.14 11.63 -32.64
CA ASP A 237 1.91 13.05 -32.54
C ASP A 237 1.04 13.39 -31.33
N ALA A 238 1.44 13.00 -30.11
CA ALA A 238 0.58 13.18 -28.97
C ALA A 238 0.59 14.60 -28.41
N ASP A 239 1.36 15.50 -29.01
CA ASP A 239 1.26 16.91 -28.65
C ASP A 239 -0.03 17.52 -29.14
N THR A 240 -0.65 16.95 -30.21
CA THR A 240 -1.84 17.54 -30.80
C THR A 240 -2.94 16.51 -31.12
N ASP A 241 -2.61 15.24 -31.35
CA ASP A 241 -3.56 14.34 -32.01
C ASP A 241 -4.45 13.61 -31.01
N ILE A 242 -5.42 14.36 -30.45
CA ILE A 242 -6.36 13.77 -29.52
C ILE A 242 -7.27 12.76 -30.18
N THR A 243 -7.51 12.91 -31.48
CA THR A 243 -8.30 11.90 -32.17
C THR A 243 -7.61 10.55 -32.11
N ALA A 244 -6.28 10.53 -32.30
CA ALA A 244 -5.53 9.28 -32.22
C ALA A 244 -5.45 8.76 -30.83
N ILE A 245 -5.41 9.63 -29.81
CA ILE A 245 -5.38 9.15 -28.42
C ILE A 245 -6.72 8.48 -28.08
N ALA A 246 -7.84 9.12 -28.47
CA ALA A 246 -9.14 8.52 -28.26
C ALA A 246 -9.25 7.18 -29.01
N ALA A 247 -8.73 7.13 -30.26
CA ALA A 247 -8.79 5.88 -31.02
C ALA A 247 -7.97 4.79 -30.33
N ALA A 248 -6.84 5.17 -29.72
CA ALA A 248 -6.00 4.20 -29.03
C ALA A 248 -6.73 3.58 -27.85
N ILE A 249 -7.53 4.41 -27.14
CA ILE A 249 -8.36 3.88 -26.06
C ILE A 249 -9.38 2.90 -26.60
N ASP A 250 -10.06 3.27 -27.70
CA ASP A 250 -11.06 2.36 -28.27
C ASP A 250 -10.41 1.05 -28.68
N GLU A 251 -9.22 1.14 -29.28
CA GLU A 251 -8.51 -0.07 -29.70
C GLU A 251 -8.16 -0.93 -28.47
N ALA A 252 -7.64 -0.29 -27.44
CA ALA A 252 -7.30 -1.02 -26.22
C ALA A 252 -8.51 -1.74 -25.64
N LYS A 253 -9.68 -1.09 -25.67
CA LYS A 253 -10.86 -1.74 -25.10
C LYS A 253 -11.28 -2.99 -25.88
N LYS A 254 -10.93 -3.08 -27.16
CA LYS A 254 -11.25 -4.29 -27.91
C LYS A 254 -10.34 -5.45 -27.60
N VAL A 255 -9.18 -5.21 -27.00
CA VAL A 255 -8.20 -6.25 -26.70
C VAL A 255 -8.45 -6.65 -25.25
N THR A 256 -9.31 -7.66 -25.05
CA THR A 256 -9.80 -7.94 -23.70
C THR A 256 -8.89 -8.84 -22.90
N ASN A 257 -7.86 -9.43 -23.51
CA ASN A 257 -7.00 -10.38 -22.85
C ASN A 257 -5.56 -9.90 -22.73
N LYS A 258 -5.30 -8.59 -22.92
CA LYS A 258 -3.96 -8.07 -22.73
C LYS A 258 -4.08 -6.68 -22.16
N PRO A 259 -3.25 -6.30 -21.19
CA PRO A 259 -3.11 -4.89 -20.84
C PRO A 259 -2.49 -4.18 -22.04
N THR A 260 -2.77 -2.88 -22.18
CA THR A 260 -2.28 -2.09 -23.29
C THR A 260 -1.37 -0.98 -22.80
N LEU A 261 -0.26 -0.80 -23.52
CA LEU A 261 0.61 0.35 -23.36
C LEU A 261 0.46 1.24 -24.61
N VAL A 262 0.05 2.48 -24.37
CA VAL A 262 -0.07 3.50 -25.41
C VAL A 262 1.16 4.39 -25.33
N ARG A 263 1.97 4.37 -26.38
CA ARG A 263 3.16 5.22 -26.48
C ARG A 263 2.72 6.60 -26.93
N LEU A 264 2.83 7.59 -26.05
CA LEU A 264 2.48 8.98 -26.38
C LEU A 264 3.78 9.73 -26.67
N THR A 265 4.10 9.96 -27.92
CA THR A 265 5.31 10.72 -28.21
C THR A 265 4.98 12.19 -28.06
N THR A 266 5.57 12.81 -27.03
CA THR A 266 5.28 14.19 -26.67
C THR A 266 6.57 14.98 -26.59
N THR A 267 6.39 16.31 -26.56
CA THR A 267 7.48 17.24 -26.25
C THR A 267 7.32 17.68 -24.81
N ILE A 268 8.32 17.39 -23.96
CA ILE A 268 8.23 17.87 -22.59
C ILE A 268 8.13 19.39 -22.62
N GLY A 269 7.25 19.96 -21.80
CA GLY A 269 7.14 21.41 -21.81
C GLY A 269 6.55 21.99 -23.08
N PHE A 270 5.80 21.21 -23.86
CA PHE A 270 5.25 21.67 -25.14
C PHE A 270 4.72 23.09 -25.04
N GLY A 271 5.21 23.94 -25.94
CA GLY A 271 4.80 25.32 -26.01
C GLY A 271 5.77 26.27 -25.37
N SER A 272 6.48 25.84 -24.35
CA SER A 272 7.46 26.69 -23.69
C SER A 272 8.61 27.00 -24.62
N LEU A 273 9.22 28.16 -24.39
CA LEU A 273 10.50 28.48 -25.05
C LEU A 273 11.52 27.39 -24.79
N ALA A 274 11.43 26.76 -23.63
CA ALA A 274 12.38 25.74 -23.17
C ALA A 274 11.83 24.32 -23.39
N GLN A 275 10.82 24.17 -24.25
CA GLN A 275 10.31 22.82 -24.51
C GLN A 275 11.44 21.91 -24.97
N GLY A 276 11.30 20.62 -24.64
CA GLY A 276 12.25 19.65 -25.10
C GLY A 276 13.57 19.68 -24.36
N THR A 277 13.63 20.23 -23.15
CA THR A 277 14.86 20.28 -22.38
C THR A 277 14.63 19.78 -20.96
N HIS A 278 15.71 19.34 -20.29
CA HIS A 278 15.57 18.90 -18.90
C HIS A 278 15.20 20.05 -17.98
N GLY A 279 15.54 21.31 -18.35
CA GLY A 279 15.24 22.46 -17.49
C GLY A 279 13.76 22.69 -17.26
N VAL A 280 12.91 22.18 -18.13
CA VAL A 280 11.45 22.33 -17.98
C VAL A 280 10.85 21.20 -17.18
N HIS A 281 11.63 20.18 -16.82
CA HIS A 281 11.07 19.09 -16.03
C HIS A 281 10.59 19.56 -14.67
N GLY A 282 11.41 20.37 -13.97
CA GLY A 282 11.29 20.47 -12.52
C GLY A 282 11.49 21.82 -11.93
N ALA A 283 11.34 22.88 -12.70
CA ALA A 283 11.42 24.22 -12.14
C ALA A 283 10.41 25.10 -12.83
N PRO A 284 9.98 26.15 -12.16
CA PRO A 284 9.02 27.07 -12.75
C PRO A 284 9.52 27.70 -14.04
N LEU A 285 8.60 27.95 -14.94
CA LEU A 285 8.94 28.68 -16.17
C LEU A 285 9.25 30.14 -15.87
N LYS A 286 10.00 30.77 -16.76
CA LYS A 286 10.21 32.20 -16.66
C LYS A 286 8.92 32.96 -16.96
N ALA A 287 8.77 34.14 -16.35
CA ALA A 287 7.55 34.92 -16.52
C ALA A 287 7.29 35.27 -17.99
N ASP A 288 8.34 35.61 -18.75
CA ASP A 288 8.15 35.95 -20.17
C ASP A 288 7.73 34.74 -21.00
N ASP A 289 8.20 33.56 -20.59
CA ASP A 289 7.78 32.32 -21.24
C ASP A 289 6.29 32.11 -21.04
N ILE A 290 5.80 32.30 -19.81
CA ILE A 290 4.38 32.13 -19.54
C ILE A 290 3.56 33.14 -20.37
N LYS A 291 4.05 34.38 -20.52
CA LYS A 291 3.32 35.35 -21.34
C LYS A 291 3.17 34.88 -22.77
N GLN A 292 4.26 34.39 -23.38
CA GLN A 292 4.16 33.96 -24.78
C GLN A 292 3.29 32.70 -24.93
N LEU A 293 3.28 31.81 -23.93
CA LEU A 293 2.35 30.68 -23.94
C LEU A 293 0.93 31.18 -24.02
N LYS A 294 0.60 32.14 -23.17
CA LYS A 294 -0.78 32.63 -23.14
C LYS A 294 -1.17 33.28 -24.46
N THR A 295 -0.30 34.16 -24.99
CA THR A 295 -0.72 34.81 -26.22
C THR A 295 -0.81 33.83 -27.38
N LYS A 296 0.10 32.85 -27.49
CA LYS A 296 0.02 31.93 -28.62
CA LYS A 296 0.08 31.83 -28.55
C LYS A 296 -1.25 31.10 -28.57
N TRP A 297 -1.81 30.90 -27.39
CA TRP A 297 -2.99 30.06 -27.22
C TRP A 297 -4.27 30.88 -27.04
N GLY A 298 -4.19 32.20 -27.22
CA GLY A 298 -5.38 33.02 -27.19
C GLY A 298 -5.84 33.43 -25.82
N PHE A 299 -4.99 33.31 -24.81
CA PHE A 299 -5.29 33.70 -23.44
C PHE A 299 -4.67 35.07 -23.17
N ASN A 300 -5.12 35.68 -22.08
CA ASN A 300 -4.62 37.01 -21.70
C ASN A 300 -3.33 36.85 -20.90
N PRO A 301 -2.19 37.34 -21.39
CA PRO A 301 -0.93 37.15 -20.66
C PRO A 301 -0.89 37.85 -19.32
N GLU A 302 -1.82 38.76 -19.07
CA GLU A 302 -1.93 39.44 -17.79
C GLU A 302 -2.75 38.67 -16.77
N GLU A 303 -3.37 37.57 -17.16
CA GLU A 303 -4.30 36.85 -16.29
C GLU A 303 -3.71 35.50 -15.91
N SER A 304 -3.96 35.09 -14.68
N SER A 304 -3.89 35.11 -14.66
CA SER A 304 -3.57 33.77 -14.22
CA SER A 304 -3.57 33.76 -14.19
C SER A 304 -4.80 33.02 -13.68
C SER A 304 -4.85 33.02 -13.82
N PHE A 305 -4.72 31.70 -13.80
CA PHE A 305 -5.79 30.79 -13.36
C PHE A 305 -7.09 31.00 -14.11
N ALA A 306 -7.00 31.29 -15.41
CA ALA A 306 -8.19 31.48 -16.22
C ALA A 306 -8.92 30.17 -16.43
N VAL A 307 -10.24 30.19 -16.32
CA VAL A 307 -11.07 29.02 -16.62
C VAL A 307 -12.19 29.50 -17.56
N PRO A 308 -12.03 29.36 -18.86
CA PRO A 308 -13.07 29.80 -19.79
C PRO A 308 -14.36 29.05 -19.54
N ALA A 309 -15.47 29.79 -19.55
CA ALA A 309 -16.75 29.15 -19.24
C ALA A 309 -17.14 28.11 -20.27
N GLU A 310 -16.69 28.22 -21.52
CA GLU A 310 -16.93 27.19 -22.54
CA GLU A 310 -17.05 27.18 -22.44
C GLU A 310 -16.36 25.86 -22.10
N VAL A 311 -15.17 25.90 -21.49
CA VAL A 311 -14.53 24.66 -21.04
C VAL A 311 -15.31 24.04 -19.90
N THR A 312 -15.69 24.86 -18.92
CA THR A 312 -16.53 24.38 -17.84
C THR A 312 -17.80 23.75 -18.39
N ALA A 313 -18.44 24.40 -19.37
CA ALA A 313 -19.68 23.85 -19.91
C ALA A 313 -19.46 22.50 -20.54
N SER A 314 -18.41 22.38 -21.34
CA SER A 314 -18.13 21.11 -22.02
C SER A 314 -17.85 20.01 -21.00
N TYR A 315 -17.07 20.32 -19.98
CA TYR A 315 -16.73 19.31 -18.98
C TYR A 315 -17.96 18.96 -18.14
N ASN A 316 -18.81 19.96 -17.85
CA ASN A 316 -20.04 19.70 -17.11
C ASN A 316 -20.96 18.78 -17.88
N GLU A 317 -20.98 18.87 -19.22
N GLU A 317 -21.00 18.89 -19.19
CA GLU A 317 -21.82 17.96 -20.04
CA GLU A 317 -21.85 17.97 -19.93
C GLU A 317 -21.40 16.52 -19.82
C GLU A 317 -21.40 16.53 -19.72
N HIS A 318 -20.09 16.29 -19.77
CA HIS A 318 -19.58 14.95 -19.56
C HIS A 318 -19.88 14.46 -18.15
N VAL A 319 -19.74 15.34 -17.14
CA VAL A 319 -20.10 14.98 -15.77
C VAL A 319 -21.57 14.58 -15.72
N ALA A 320 -22.45 15.38 -16.32
CA ALA A 320 -23.89 15.09 -16.25
C ALA A 320 -24.18 13.74 -16.87
N GLU A 321 -23.54 13.42 -17.99
CA GLU A 321 -23.72 12.11 -18.62
C GLU A 321 -23.22 11.00 -17.69
N ASN A 322 -22.07 11.21 -17.08
CA ASN A 322 -21.54 10.21 -16.15
C ASN A 322 -22.45 10.02 -14.98
N GLN A 323 -23.06 11.10 -14.46
CA GLN A 323 -23.96 10.97 -13.34
C GLN A 323 -25.21 10.19 -13.71
N LYS A 324 -25.70 10.35 -14.95
CA LYS A 324 -26.81 9.53 -15.41
C LYS A 324 -26.39 8.06 -15.52
N ILE A 325 -25.15 7.78 -15.94
CA ILE A 325 -24.66 6.41 -15.93
C ILE A 325 -24.63 5.85 -14.53
N GLN A 326 -24.14 6.62 -13.54
CA GLN A 326 -24.15 6.10 -12.17
C GLN A 326 -25.57 5.91 -11.67
N GLN A 327 -26.50 6.82 -12.02
CA GLN A 327 -27.89 6.66 -11.60
C GLN A 327 -28.45 5.35 -12.13
N GLN A 328 -28.17 5.01 -13.38
CA GLN A 328 -28.60 3.74 -13.95
C GLN A 328 -27.93 2.56 -13.27
N TRP A 329 -26.65 2.70 -12.93
CA TRP A 329 -25.96 1.65 -12.17
C TRP A 329 -26.62 1.42 -10.81
N ASN A 330 -27.05 2.50 -10.14
CA ASN A 330 -27.73 2.30 -8.86
C ASN A 330 -29.00 1.50 -9.07
N GLU A 331 -29.74 1.75 -10.16
CA GLU A 331 -30.94 0.94 -10.40
C GLU A 331 -30.61 -0.49 -10.80
N LEU A 332 -29.52 -0.69 -11.52
CA LEU A 332 -29.04 -2.03 -11.80
C LEU A 332 -28.72 -2.77 -10.50
N PHE A 333 -28.05 -2.10 -9.58
CA PHE A 333 -27.70 -2.69 -8.30
C PHE A 333 -28.96 -3.05 -7.51
N ALA A 334 -29.97 -2.17 -7.51
CA ALA A 334 -31.20 -2.50 -6.81
C ALA A 334 -31.85 -3.74 -7.44
N ALA A 335 -31.86 -3.84 -8.77
CA ALA A 335 -32.42 -4.99 -9.44
C ALA A 335 -31.61 -6.26 -9.17
N TYR A 336 -30.31 -6.10 -9.05
CA TYR A 336 -29.43 -7.22 -8.73
C TYR A 336 -29.76 -7.78 -7.35
N LYS A 337 -30.00 -6.89 -6.37
CA LYS A 337 -30.36 -7.35 -5.04
C LYS A 337 -31.66 -8.12 -5.03
N GLN A 338 -32.60 -7.77 -5.90
CA GLN A 338 -33.82 -8.57 -6.00
C GLN A 338 -33.57 -9.91 -6.66
N LYS A 339 -32.78 -9.95 -7.73
CA LYS A 339 -32.58 -11.20 -8.43
C LYS A 339 -31.61 -12.14 -7.71
N TYR A 340 -30.61 -11.61 -7.02
CA TYR A 340 -29.53 -12.36 -6.40
C TYR A 340 -29.46 -11.91 -4.94
N PRO A 341 -30.39 -12.33 -4.12
CA PRO A 341 -30.50 -11.71 -2.79
C PRO A 341 -29.26 -11.89 -1.91
N GLU A 342 -28.65 -13.07 -1.93
CA GLU A 342 -27.49 -13.30 -1.09
C GLU A 342 -26.28 -12.51 -1.56
N LEU A 343 -25.96 -12.60 -2.86
CA LEU A 343 -24.83 -11.86 -3.38
C LEU A 343 -25.08 -10.37 -3.24
N GLY A 344 -26.32 -9.95 -3.44
CA GLY A 344 -26.60 -8.53 -3.33
C GLY A 344 -26.39 -8.00 -1.93
N ALA A 345 -26.80 -8.77 -0.91
CA ALA A 345 -26.58 -8.32 0.47
C ALA A 345 -25.08 -8.32 0.81
N GLU A 346 -24.34 -9.30 0.29
CA GLU A 346 -22.88 -9.34 0.48
C GLU A 346 -22.24 -8.11 -0.13
N LEU A 347 -22.61 -7.79 -1.38
CA LEU A 347 -22.06 -6.64 -2.03
C LEU A 347 -22.41 -5.36 -1.27
N GLN A 348 -23.66 -5.22 -0.82
CA GLN A 348 -24.04 -4.04 -0.07
C GLN A 348 -23.20 -3.89 1.18
N ARG A 349 -23.04 -4.99 1.94
CA ARG A 349 -22.25 -4.93 3.17
C ARG A 349 -20.83 -4.44 2.86
N ARG A 350 -20.22 -4.98 1.81
CA ARG A 350 -18.87 -4.58 1.45
C ARG A 350 -18.80 -3.13 1.05
N LEU A 351 -19.80 -2.62 0.30
CA LEU A 351 -19.78 -1.23 -0.10
C LEU A 351 -20.04 -0.31 1.08
N ASP A 352 -20.64 -0.83 2.14
CA ASP A 352 -20.80 -0.09 3.39
C ASP A 352 -19.56 -0.15 4.27
N GLY A 353 -18.53 -0.92 3.88
CA GLY A 353 -17.29 -0.99 4.65
C GLY A 353 -17.37 -1.86 5.88
N LYS A 354 -18.31 -2.80 5.92
CA LYS A 354 -18.53 -3.62 7.09
C LYS A 354 -18.15 -5.06 6.80
N LEU A 355 -17.42 -5.67 7.75
CA LEU A 355 -17.17 -7.10 7.71
C LEU A 355 -18.43 -7.88 8.07
N PRO A 356 -18.47 -9.17 7.76
CA PRO A 356 -19.60 -10.00 8.19
C PRO A 356 -19.79 -9.93 9.70
N GLU A 357 -21.05 -9.94 10.11
CA GLU A 357 -21.36 -9.94 11.52
C GLU A 357 -20.70 -11.13 12.21
N ASN A 358 -20.00 -10.86 13.32
CA ASN A 358 -19.41 -11.92 14.13
C ASN A 358 -18.41 -12.77 13.33
N TRP A 359 -17.77 -12.18 12.31
CA TRP A 359 -16.81 -12.95 11.52
C TRP A 359 -15.71 -13.51 12.40
N ASP A 360 -15.37 -12.79 13.47
CA ASP A 360 -14.23 -13.14 14.29
C ASP A 360 -14.48 -14.39 15.14
N LYS A 361 -15.71 -14.88 15.20
CA LYS A 361 -15.98 -16.15 15.84
C LYS A 361 -15.27 -17.30 15.12
N ALA A 362 -14.86 -17.10 13.87
CA ALA A 362 -14.12 -18.12 13.14
C ALA A 362 -12.63 -18.17 13.56
N LEU A 363 -12.13 -17.20 14.28
CA LEU A 363 -10.73 -17.21 14.66
C LEU A 363 -10.44 -18.36 15.60
N PRO A 364 -9.40 -19.13 15.35
CA PRO A 364 -9.06 -20.23 16.26
C PRO A 364 -8.60 -19.73 17.62
N VAL A 365 -8.92 -20.53 18.64
CA VAL A 365 -8.54 -20.26 20.02
C VAL A 365 -7.81 -21.49 20.54
N TYR A 366 -6.82 -21.25 21.39
CA TYR A 366 -5.93 -22.28 21.92
C TYR A 366 -5.89 -22.19 23.44
N THR A 367 -5.44 -23.29 24.02
CA THR A 367 -5.18 -23.33 25.45
C THR A 367 -3.78 -23.82 25.68
N PRO A 368 -3.28 -23.69 26.91
CA PRO A 368 -1.92 -24.15 27.16
C PRO A 368 -1.75 -25.66 27.03
N ALA A 369 -2.85 -26.43 26.98
CA ALA A 369 -2.76 -27.87 26.77
C ALA A 369 -2.52 -28.25 25.31
N ASP A 370 -2.68 -27.31 24.39
CA ASP A 370 -2.49 -27.62 22.98
C ASP A 370 -1.00 -27.66 22.62
N ALA A 371 -0.71 -28.35 21.51
CA ALA A 371 0.65 -28.57 21.06
C ALA A 371 1.34 -27.28 20.64
N ALA A 372 2.66 -27.34 20.65
CA ALA A 372 3.49 -26.27 20.10
C ALA A 372 3.33 -26.24 18.59
N VAL A 373 3.30 -25.03 18.02
CA VAL A 373 3.05 -24.80 16.60
C VAL A 373 3.90 -23.60 16.19
N ALA A 374 4.47 -23.59 14.98
CA ALA A 374 5.11 -22.38 14.46
C ALA A 374 4.05 -21.36 14.16
N THR A 375 4.38 -20.07 14.33
CA THR A 375 3.34 -19.08 14.00
C THR A 375 3.07 -19.00 12.50
N ARG A 376 3.98 -19.44 11.62
CA ARG A 376 3.59 -19.55 10.21
C ARG A 376 2.45 -20.54 10.01
N LYS A 377 2.49 -21.65 10.74
CA LYS A 377 1.44 -22.67 10.63
C LYS A 377 0.15 -22.20 11.30
N LEU A 378 0.27 -21.51 12.45
CA LEU A 378 -0.92 -20.90 13.06
C LEU A 378 -1.58 -19.93 12.08
N SER A 379 -0.78 -19.16 11.36
CA SER A 379 -1.30 -18.25 10.33
C SER A 379 -2.06 -19.01 9.24
N GLU A 380 -1.47 -20.09 8.72
CA GLU A 380 -2.18 -20.93 7.76
C GLU A 380 -3.55 -21.35 8.30
N ILE A 381 -3.57 -21.80 9.55
CA ILE A 381 -4.83 -22.26 10.13
C ILE A 381 -5.83 -21.11 10.21
N VAL A 382 -5.40 -19.92 10.67
CA VAL A 382 -6.32 -18.78 10.68
C VAL A 382 -6.90 -18.55 9.29
N LEU A 383 -6.02 -18.45 8.28
CA LEU A 383 -6.47 -18.16 6.93
C LEU A 383 -7.48 -19.19 6.47
N SER A 384 -7.25 -20.47 6.80
N SER A 384 -7.22 -20.47 6.81
CA SER A 384 -8.16 -21.51 6.33
CA SER A 384 -8.11 -21.56 6.43
C SER A 384 -9.52 -21.45 7.03
C SER A 384 -9.52 -21.33 6.98
N LYS A 385 -9.60 -20.78 8.18
CA LYS A 385 -10.89 -20.57 8.83
C LYS A 385 -11.57 -19.28 8.40
N ILE A 386 -10.83 -18.22 8.12
CA ILE A 386 -11.45 -16.95 7.86
C ILE A 386 -11.72 -16.71 6.38
N ILE A 387 -10.92 -17.26 5.48
CA ILE A 387 -11.16 -17.06 4.04
C ILE A 387 -12.55 -17.51 3.65
N PRO A 388 -13.05 -18.68 4.09
CA PRO A 388 -14.43 -19.06 3.70
C PRO A 388 -15.49 -18.18 4.28
N GLU A 389 -15.20 -17.46 5.36
CA GLU A 389 -16.17 -16.60 6.04
C GLU A 389 -16.18 -15.17 5.58
N VAL A 390 -15.09 -14.71 4.96
CA VAL A 390 -14.93 -13.29 4.65
C VAL A 390 -14.53 -13.21 3.18
N PRO A 391 -15.49 -13.03 2.28
CA PRO A 391 -15.17 -13.12 0.84
C PRO A 391 -14.22 -12.05 0.34
N GLU A 392 -14.18 -10.89 1.03
CA GLU A 392 -13.29 -9.81 0.60
C GLU A 392 -11.83 -10.03 0.98
N ILE A 393 -11.48 -11.16 1.62
CA ILE A 393 -10.07 -11.52 1.78
C ILE A 393 -9.58 -12.21 0.51
N ILE A 394 -8.52 -11.64 -0.09
CA ILE A 394 -7.75 -12.30 -1.14
C ILE A 394 -6.28 -12.04 -0.81
N GLY A 395 -5.38 -12.85 -1.36
CA GLY A 395 -3.98 -12.58 -1.09
C GLY A 395 -3.12 -13.56 -1.85
N GLY A 396 -1.81 -13.53 -1.57
CA GLY A 396 -0.90 -14.39 -2.29
C GLY A 396 0.45 -14.42 -1.62
N SER A 397 1.43 -14.94 -2.36
CA SER A 397 2.81 -15.00 -1.91
C SER A 397 3.73 -14.72 -3.08
N ALA A 398 4.91 -14.21 -2.75
CA ALA A 398 5.97 -13.96 -3.72
C ALA A 398 6.83 -15.20 -3.88
N ASP A 399 6.25 -16.24 -4.53
CA ASP A 399 6.94 -17.52 -4.78
C ASP A 399 7.35 -18.22 -3.50
N LEU A 400 6.59 -18.07 -2.42
CA LEU A 400 6.91 -18.74 -1.18
C LEU A 400 5.69 -19.41 -0.59
N THR A 401 4.75 -19.81 -1.42
CA THR A 401 3.51 -20.39 -0.91
C THR A 401 3.73 -21.56 0.05
N PRO A 402 4.58 -22.56 -0.28
CA PRO A 402 4.73 -23.72 0.64
C PRO A 402 5.61 -23.41 1.84
N SER A 403 6.28 -22.24 1.87
N SER A 403 6.17 -22.21 1.91
CA SER A 403 7.07 -21.85 3.04
CA SER A 403 7.06 -21.80 2.98
C SER A 403 6.34 -20.86 3.92
C SER A 403 6.41 -20.79 3.90
N ASN A 404 5.63 -19.89 3.33
CA ASN A 404 4.85 -18.93 4.11
C ASN A 404 3.52 -19.53 4.62
N LEU A 405 3.01 -20.54 3.88
CA LEU A 405 1.78 -21.24 4.22
C LEU A 405 0.56 -20.33 4.11
N THR A 406 0.51 -19.61 2.98
CA THR A 406 -0.45 -18.53 2.77
C THR A 406 -1.70 -18.92 1.99
N LYS A 407 -1.75 -20.13 1.42
CA LYS A 407 -2.91 -20.55 0.65
C LYS A 407 -3.79 -21.48 1.46
N ALA A 408 -5.08 -21.16 1.50
CA ALA A 408 -6.04 -22.09 2.13
C ALA A 408 -6.32 -23.25 1.19
N LYS A 409 -6.21 -24.48 1.70
CA LYS A 409 -6.48 -25.66 0.89
C LYS A 409 -7.87 -25.54 0.28
N GLY A 410 -7.99 -25.87 -0.99
CA GLY A 410 -9.28 -25.93 -1.62
C GLY A 410 -9.67 -24.66 -2.32
N THR A 411 -8.87 -23.62 -2.19
CA THR A 411 -9.16 -22.42 -2.95
C THR A 411 -8.49 -22.48 -4.31
N VAL A 412 -9.01 -21.65 -5.21
CA VAL A 412 -8.53 -21.57 -6.57
C VAL A 412 -7.69 -20.32 -6.76
N ASP A 413 -6.68 -20.43 -7.58
CA ASP A 413 -5.82 -19.29 -7.84
C ASP A 413 -6.52 -18.29 -8.75
N PHE A 414 -6.18 -17.02 -8.52
CA PHE A 414 -6.53 -15.94 -9.42
C PHE A 414 -5.64 -16.03 -10.65
N GLN A 415 -6.22 -16.45 -11.76
CA GLN A 415 -5.56 -16.58 -13.05
C GLN A 415 -6.62 -16.33 -14.11
N PRO A 416 -6.26 -15.90 -15.30
CA PRO A 416 -7.24 -15.92 -16.41
C PRO A 416 -7.61 -17.36 -16.69
N ALA A 417 -8.91 -17.61 -16.85
CA ALA A 417 -9.38 -18.96 -17.15
C ALA A 417 -8.73 -19.54 -18.39
N ALA A 418 -8.34 -18.69 -19.35
CA ALA A 418 -7.71 -19.19 -20.58
C ALA A 418 -6.46 -20.01 -20.29
N THR A 419 -5.79 -19.78 -19.16
CA THR A 419 -4.59 -20.53 -18.82
C THR A 419 -4.90 -21.94 -18.32
N GLY A 420 -6.12 -22.20 -17.86
CA GLY A 420 -6.44 -23.44 -17.18
C GLY A 420 -5.89 -23.56 -15.76
N LEU A 421 -5.26 -22.52 -15.22
CA LEU A 421 -4.55 -22.59 -13.96
C LEU A 421 -5.31 -21.96 -12.81
N GLY A 422 -6.46 -21.37 -13.08
CA GLY A 422 -7.23 -20.64 -12.10
C GLY A 422 -8.39 -19.96 -12.81
N ASP A 423 -8.95 -18.96 -12.15
CA ASP A 423 -10.03 -18.17 -12.71
C ASP A 423 -9.96 -16.79 -12.07
N TYR A 424 -10.57 -15.78 -12.71
CA TYR A 424 -10.58 -14.48 -12.07
C TYR A 424 -11.41 -14.44 -10.79
N SER A 425 -12.30 -15.44 -10.57
CA SER A 425 -13.00 -15.53 -9.30
C SER A 425 -12.12 -16.08 -8.19
N GLY A 426 -10.91 -16.54 -8.52
CA GLY A 426 -10.01 -17.10 -7.54
C GLY A 426 -9.58 -16.09 -6.50
N ARG A 427 -8.98 -16.61 -5.43
CA ARG A 427 -8.68 -15.86 -4.24
C ARG A 427 -7.21 -15.84 -3.88
N TYR A 428 -6.38 -16.58 -4.62
CA TYR A 428 -4.97 -16.73 -4.26
C TYR A 428 -4.10 -16.31 -5.42
N ILE A 429 -3.18 -15.38 -5.18
CA ILE A 429 -2.38 -14.78 -6.23
C ILE A 429 -0.95 -15.31 -6.18
N ARG A 430 -0.48 -15.80 -7.33
CA ARG A 430 0.91 -16.24 -7.47
C ARG A 430 1.69 -15.03 -7.96
N TYR A 431 2.31 -14.30 -7.01
CA TYR A 431 3.01 -13.09 -7.38
C TYR A 431 4.34 -13.35 -8.05
N GLY A 432 4.89 -14.56 -7.94
CA GLY A 432 6.26 -14.77 -8.39
C GLY A 432 7.25 -14.04 -7.48
N VAL A 433 8.54 -14.00 -7.87
CA VAL A 433 9.58 -13.46 -7.02
C VAL A 433 9.66 -11.94 -7.20
N ARG A 434 8.61 -11.27 -6.66
CA ARG A 434 8.31 -9.87 -7.02
C ARG A 434 7.80 -9.15 -5.77
N GLU A 435 8.61 -9.07 -4.71
CA GLU A 435 8.10 -8.52 -3.45
C GLU A 435 7.65 -7.08 -3.60
N HIS A 436 8.46 -6.26 -4.27
CA HIS A 436 8.15 -4.84 -4.34
C HIS A 436 6.84 -4.61 -5.10
N ALA A 437 6.71 -5.26 -6.26
CA ALA A 437 5.44 -5.11 -6.97
C ALA A 437 4.31 -5.69 -6.18
N MET A 438 4.51 -6.82 -5.49
CA MET A 438 3.44 -7.34 -4.64
C MET A 438 2.97 -6.28 -3.67
N GLY A 439 3.91 -5.59 -3.02
CA GLY A 439 3.53 -4.56 -2.08
C GLY A 439 2.71 -3.44 -2.71
N ALA A 440 3.12 -2.98 -3.91
CA ALA A 440 2.42 -1.90 -4.57
C ALA A 440 1.08 -2.38 -5.17
N ILE A 441 1.04 -3.61 -5.64
CA ILE A 441 -0.22 -4.20 -6.10
C ILE A 441 -1.19 -4.33 -4.96
N MET A 442 -0.72 -4.74 -3.77
CA MET A 442 -1.60 -4.78 -2.60
CA MET A 442 -1.59 -4.79 -2.60
C MET A 442 -2.20 -3.42 -2.33
N ASN A 443 -1.41 -2.35 -2.46
CA ASN A 443 -1.94 -1.01 -2.27
C ASN A 443 -3.04 -0.71 -3.29
N GLY A 444 -2.85 -1.13 -4.55
CA GLY A 444 -3.90 -0.93 -5.53
C GLY A 444 -5.16 -1.74 -5.25
N ILE A 445 -5.03 -2.97 -4.79
CA ILE A 445 -6.22 -3.76 -4.43
C ILE A 445 -6.97 -3.06 -3.32
N ALA A 446 -6.25 -2.57 -2.29
CA ALA A 446 -6.91 -1.80 -1.24
C ALA A 446 -7.58 -0.56 -1.80
N ALA A 447 -6.90 0.14 -2.70
CA ALA A 447 -7.43 1.36 -3.28
C ALA A 447 -8.70 1.11 -4.08
N PHE A 448 -8.84 -0.06 -4.69
CA PHE A 448 -10.08 -0.35 -5.42
C PHE A 448 -11.29 -0.14 -4.51
N GLY A 449 -11.18 -0.59 -3.25
CA GLY A 449 -12.25 -0.44 -2.29
C GLY A 449 -13.02 -1.73 -2.10
N ALA A 450 -14.34 -1.61 -1.95
CA ALA A 450 -15.19 -2.77 -1.75
C ALA A 450 -14.75 -3.63 -0.55
N ASN A 451 -14.15 -3.00 0.44
CA ASN A 451 -13.73 -3.66 1.66
C ASN A 451 -12.66 -4.72 1.45
N TYR A 452 -11.93 -4.72 0.32
CA TYR A 452 -10.89 -5.72 0.16
C TYR A 452 -9.90 -5.68 1.31
N LYS A 453 -9.62 -6.86 1.85
CA LYS A 453 -8.65 -7.06 2.94
C LYS A 453 -7.63 -8.03 2.37
N ASN A 454 -6.52 -7.48 1.82
CA ASN A 454 -5.65 -8.32 1.04
C ASN A 454 -4.26 -8.45 1.65
N TYR A 455 -3.60 -9.56 1.34
CA TYR A 455 -2.36 -9.90 2.02
C TYR A 455 -1.32 -10.44 1.03
N GLY A 456 -0.07 -10.43 1.48
CA GLY A 456 1.03 -10.86 0.65
C GLY A 456 2.09 -11.50 1.51
N GLY A 457 2.53 -12.71 1.14
CA GLY A 457 3.52 -13.43 1.89
C GLY A 457 4.92 -13.35 1.30
N THR A 458 5.88 -13.19 2.19
CA THR A 458 7.30 -13.43 1.87
C THR A 458 8.02 -13.65 3.19
N PHE A 459 9.33 -13.87 3.13
CA PHE A 459 10.11 -13.88 4.36
C PHE A 459 10.26 -12.46 4.87
N LEU A 460 10.24 -12.28 6.20
CA LEU A 460 10.37 -10.95 6.78
C LEU A 460 11.58 -10.20 6.21
N ASN A 461 12.72 -10.88 6.06
CA ASN A 461 13.90 -10.14 5.59
C ASN A 461 13.72 -9.57 4.19
N PHE A 462 12.86 -10.17 3.38
CA PHE A 462 12.64 -9.69 2.02
C PHE A 462 11.44 -8.78 1.90
N VAL A 463 10.69 -8.51 2.98
CA VAL A 463 9.79 -7.36 2.97
C VAL A 463 10.59 -6.10 2.65
N SER A 464 11.86 -6.08 3.07
CA SER A 464 12.72 -4.93 2.83
C SER A 464 12.88 -4.61 1.33
N TYR A 465 12.78 -5.62 0.46
CA TYR A 465 12.82 -5.38 -1.01
C TYR A 465 11.69 -4.45 -1.44
N ALA A 466 10.60 -4.42 -0.66
CA ALA A 466 9.38 -3.71 -0.98
C ALA A 466 9.20 -2.46 -0.14
N ALA A 467 10.26 -1.98 0.54
CA ALA A 467 10.13 -0.82 1.41
C ALA A 467 9.49 0.37 0.74
N GLY A 468 9.78 0.61 -0.55
CA GLY A 468 9.18 1.78 -1.22
C GLY A 468 7.66 1.75 -1.15
N ALA A 469 7.07 0.57 -1.40
CA ALA A 469 5.62 0.40 -1.35
C ALA A 469 5.09 0.31 0.06
N VAL A 470 5.80 -0.36 0.96
CA VAL A 470 5.33 -0.48 2.35
C VAL A 470 5.14 0.89 2.98
N ARG A 471 6.12 1.78 2.76
CA ARG A 471 6.01 3.10 3.33
C ARG A 471 4.78 3.82 2.79
N LEU A 472 4.49 3.62 1.50
CA LEU A 472 3.30 4.20 0.93
C LEU A 472 2.02 3.56 1.46
N SER A 473 2.04 2.28 1.84
CA SER A 473 0.85 1.74 2.53
C SER A 473 0.54 2.54 3.78
N ALA A 474 1.58 2.89 4.53
CA ALA A 474 1.44 3.65 5.77
C ALA A 474 0.96 5.07 5.50
N LEU A 475 1.60 5.75 4.54
CA LEU A 475 1.24 7.15 4.24
C LEU A 475 -0.17 7.24 3.63
N SER A 476 -0.54 6.22 2.84
CA SER A 476 -1.83 6.19 2.16
C SER A 476 -2.95 5.64 3.04
N GLU A 477 -2.59 5.09 4.20
CA GLU A 477 -3.58 4.57 5.14
C GLU A 477 -4.35 3.39 4.58
N PHE A 478 -3.64 2.46 3.92
CA PHE A 478 -4.29 1.29 3.36
C PHE A 478 -4.14 0.07 4.27
N PRO A 479 -5.24 -0.65 4.48
CA PRO A 479 -5.23 -1.84 5.36
C PRO A 479 -4.81 -3.08 4.59
N ILE A 480 -3.53 -3.11 4.22
CA ILE A 480 -2.89 -4.27 3.61
C ILE A 480 -2.17 -5.04 4.68
N THR A 481 -1.85 -6.30 4.40
CA THR A 481 -1.20 -7.15 5.40
C THR A 481 -0.06 -7.94 4.73
N TRP A 482 1.12 -7.87 5.35
CA TRP A 482 2.24 -8.70 4.99
C TRP A 482 2.28 -9.91 5.94
N VAL A 483 2.32 -11.09 5.35
CA VAL A 483 2.45 -12.35 6.07
C VAL A 483 3.94 -12.71 5.97
N ALA A 484 4.69 -12.28 6.97
CA ALA A 484 6.16 -12.14 6.90
C ALA A 484 6.79 -13.22 7.77
N THR A 485 6.99 -14.40 7.18
CA THR A 485 7.45 -15.55 7.95
C THR A 485 8.97 -15.56 8.08
N HIS A 486 9.48 -16.54 8.81
CA HIS A 486 10.94 -16.71 8.91
C HIS A 486 11.55 -15.47 9.56
N ASP A 487 10.99 -15.10 10.71
CA ASP A 487 11.22 -13.78 11.27
C ASP A 487 12.60 -13.53 11.88
N SER A 488 13.44 -14.56 12.10
CA SER A 488 14.62 -14.34 12.91
C SER A 488 15.66 -15.41 12.62
N ILE A 489 16.75 -15.38 13.39
CA ILE A 489 17.70 -16.50 13.44
C ILE A 489 17.03 -17.84 13.68
N GLY A 490 15.81 -17.86 14.22
CA GLY A 490 15.09 -19.11 14.34
C GLY A 490 14.87 -19.87 13.05
N LEU A 491 15.04 -19.21 11.90
CA LEU A 491 14.96 -19.93 10.64
C LEU A 491 16.15 -20.86 10.43
N GLY A 492 17.30 -20.61 11.07
CA GLY A 492 18.40 -21.57 11.01
C GLY A 492 19.29 -21.47 9.77
N GLU A 493 19.33 -22.58 9.03
CA GLU A 493 20.46 -22.85 8.13
C GLU A 493 20.55 -21.90 6.95
N ASP A 494 19.46 -21.30 6.50
CA ASP A 494 19.61 -20.39 5.37
C ASP A 494 20.55 -19.23 5.70
N GLY A 495 20.71 -18.87 6.99
CA GLY A 495 21.82 -18.02 7.36
C GLY A 495 21.55 -16.52 7.27
N PRO A 496 22.63 -15.73 7.43
CA PRO A 496 22.48 -14.31 7.71
C PRO A 496 21.90 -13.50 6.58
N THR A 497 22.00 -13.96 5.33
CA THR A 497 21.35 -13.23 4.24
C THR A 497 19.84 -13.33 4.29
N HIS A 498 19.31 -14.23 5.10
CA HIS A 498 17.88 -14.44 5.26
C HIS A 498 17.35 -14.01 6.61
N GLN A 499 18.21 -13.75 7.61
CA GLN A 499 17.77 -13.57 9.01
C GLN A 499 17.63 -12.10 9.31
N PRO A 500 16.42 -11.61 9.61
CA PRO A 500 16.20 -10.19 9.97
C PRO A 500 16.95 -9.80 11.22
N ILE A 501 17.44 -8.56 11.21
CA ILE A 501 18.04 -7.89 12.38
C ILE A 501 17.40 -6.52 12.58
N GLU A 502 17.45 -5.74 11.52
CA GLU A 502 17.00 -4.34 11.49
C GLU A 502 15.55 -4.18 11.11
N THR A 503 14.90 -5.24 10.65
CA THR A 503 13.67 -5.10 9.85
C THR A 503 12.51 -4.58 10.69
N LEU A 504 12.32 -5.14 11.90
CA LEU A 504 11.22 -4.65 12.72
C LEU A 504 11.44 -3.23 13.17
N ALA A 505 12.70 -2.86 13.48
CA ALA A 505 12.97 -1.49 13.88
C ALA A 505 12.61 -0.53 12.75
N HIS A 506 12.99 -0.89 11.52
CA HIS A 506 12.69 -0.07 10.34
C HIS A 506 11.19 0.20 10.25
N PHE A 507 10.38 -0.85 10.29
CA PHE A 507 8.95 -0.68 10.08
C PHE A 507 8.25 -0.10 11.29
N ARG A 508 8.69 -0.43 12.51
CA ARG A 508 8.13 0.19 13.72
C ARG A 508 8.44 1.69 13.77
N ALA A 509 9.57 2.11 13.19
CA ALA A 509 9.96 3.52 13.15
C ALA A 509 9.20 4.27 12.07
N THR A 510 8.52 3.57 11.16
CA THR A 510 7.70 4.22 10.16
C THR A 510 6.35 4.53 10.78
N PRO A 511 5.84 5.76 10.63
CA PRO A 511 4.52 6.05 11.19
C PRO A 511 3.47 5.11 10.61
N ASN A 512 2.48 4.75 11.43
CA ASN A 512 1.28 4.07 10.95
C ASN A 512 1.53 2.69 10.35
N ILE A 513 2.42 1.89 10.98
CA ILE A 513 2.55 0.47 10.64
C ILE A 513 2.38 -0.35 11.91
N SER A 514 1.37 -1.22 11.91
CA SER A 514 1.18 -2.20 12.97
C SER A 514 2.07 -3.40 12.70
N VAL A 515 3.00 -3.70 13.59
CA VAL A 515 3.99 -4.75 13.41
C VAL A 515 3.76 -5.79 14.49
N TRP A 516 2.98 -6.81 14.13
CA TRP A 516 2.60 -7.86 15.06
C TRP A 516 3.65 -8.95 15.02
N ARG A 517 4.05 -9.41 16.22
CA ARG A 517 5.02 -10.51 16.32
C ARG A 517 4.43 -11.47 17.34
N PRO A 518 3.42 -12.25 16.93
CA PRO A 518 2.67 -13.03 17.92
C PRO A 518 3.48 -14.18 18.47
N ALA A 519 3.25 -14.48 19.75
CA ALA A 519 4.01 -15.53 20.41
C ALA A 519 3.39 -16.90 20.28
N ASP A 520 2.09 -17.00 20.02
CA ASP A 520 1.43 -18.30 20.11
C ASP A 520 0.11 -18.24 19.36
N GLY A 521 -0.70 -19.27 19.51
CA GLY A 521 -1.95 -19.36 18.77
C GLY A 521 -2.92 -18.23 19.06
N ASN A 522 -3.14 -17.94 20.36
CA ASN A 522 -4.10 -16.87 20.65
C ASN A 522 -3.59 -15.53 20.13
N GLU A 523 -2.29 -15.25 20.27
CA GLU A 523 -1.78 -13.98 19.79
C GLU A 523 -1.85 -13.89 18.27
N THR A 524 -1.68 -15.01 17.57
CA THR A 524 -1.77 -14.98 16.11
C THR A 524 -3.20 -14.66 15.67
N SER A 525 -4.20 -15.19 16.38
CA SER A 525 -5.59 -14.83 16.09
C SER A 525 -5.84 -13.36 16.36
N ALA A 526 -5.29 -12.81 17.45
CA ALA A 526 -5.44 -11.38 17.70
C ALA A 526 -4.79 -10.56 16.59
N ALA A 527 -3.64 -10.99 16.09
CA ALA A 527 -2.96 -10.24 15.03
C ALA A 527 -3.83 -10.20 13.78
N TYR A 528 -4.42 -11.32 13.40
CA TYR A 528 -5.32 -11.32 12.26
C TYR A 528 -6.58 -10.53 12.52
N LYS A 529 -7.14 -10.57 13.73
CA LYS A 529 -8.31 -9.75 14.00
C LYS A 529 -7.99 -8.30 13.72
N SER A 530 -6.83 -7.83 14.18
CA SER A 530 -6.41 -6.45 13.95
C SER A 530 -6.22 -6.18 12.46
N ALA A 531 -5.54 -7.10 11.77
CA ALA A 531 -5.20 -6.87 10.36
C ALA A 531 -6.44 -6.80 9.49
N ILE A 532 -7.42 -7.67 9.73
CA ILE A 532 -8.62 -7.72 8.91
C ILE A 532 -9.58 -6.60 9.26
N GLU A 533 -9.69 -6.24 10.55
CA GLU A 533 -10.55 -5.13 10.95
C GLU A 533 -9.99 -3.78 10.56
N SER A 534 -8.70 -3.70 10.26
CA SER A 534 -8.08 -2.43 9.92
C SER A 534 -8.78 -1.77 8.76
N THR A 535 -8.90 -0.43 8.86
CA THR A 535 -9.35 0.36 7.72
C THR A 535 -8.32 1.40 7.31
N HIS A 536 -7.35 1.74 8.17
CA HIS A 536 -6.43 2.82 7.83
C HIS A 536 -4.99 2.50 8.18
N THR A 537 -4.65 1.27 8.56
CA THR A 537 -3.30 0.99 9.03
C THR A 537 -2.79 -0.32 8.47
N PRO A 538 -1.69 -0.29 7.69
CA PRO A 538 -1.14 -1.55 7.20
C PRO A 538 -0.54 -2.35 8.35
N HIS A 539 -0.54 -3.67 8.15
CA HIS A 539 -0.03 -4.62 9.12
C HIS A 539 1.10 -5.44 8.53
N ILE A 540 2.10 -5.72 9.35
CA ILE A 540 3.12 -6.71 9.07
C ILE A 540 3.04 -7.74 10.19
N LEU A 541 2.83 -9.00 9.82
CA LEU A 541 2.76 -10.12 10.77
CA LEU A 541 2.77 -10.10 10.79
C LEU A 541 4.07 -10.87 10.69
N ALA A 542 4.91 -10.74 11.71
CA ALA A 542 6.21 -11.39 11.77
C ALA A 542 6.03 -12.75 12.42
N LEU A 543 6.27 -13.81 11.64
CA LEU A 543 5.87 -15.17 11.98
C LEU A 543 7.09 -16.09 11.96
N THR A 544 7.04 -17.17 12.73
CA THR A 544 8.19 -18.03 12.89
C THR A 544 8.16 -19.22 11.95
N ARG A 545 9.39 -19.67 11.62
CA ARG A 545 9.58 -21.00 11.06
CA ARG A 545 9.60 -21.00 11.06
C ARG A 545 9.46 -22.08 12.13
N GLN A 546 10.01 -21.82 13.32
CA GLN A 546 10.15 -22.80 14.37
C GLN A 546 8.92 -22.88 15.28
N ASN A 547 8.72 -24.03 15.89
CA ASN A 547 7.58 -24.23 16.78
C ASN A 547 7.71 -23.43 18.08
N LEU A 548 6.57 -22.95 18.60
CA LEU A 548 6.51 -22.23 19.87
C LEU A 548 5.38 -22.80 20.72
N PRO A 549 5.53 -22.85 22.03
CA PRO A 549 4.47 -23.41 22.88
C PRO A 549 3.27 -22.46 23.00
N GLN A 550 2.10 -23.02 23.31
CA GLN A 550 0.96 -22.21 23.72
C GLN A 550 1.20 -21.68 25.12
N LEU A 551 1.00 -20.39 25.32
CA LEU A 551 1.36 -19.76 26.58
C LEU A 551 0.23 -19.81 27.61
N GLU A 552 0.63 -20.07 28.85
CA GLU A 552 -0.28 -19.85 29.97
C GLU A 552 -0.51 -18.35 30.13
N GLY A 553 -1.76 -17.88 30.02
CA GLY A 553 -2.10 -16.49 30.20
C GLY A 553 -2.42 -15.73 28.94
N SER A 554 -2.22 -16.33 27.75
CA SER A 554 -2.55 -15.59 26.55
C SER A 554 -4.04 -15.75 26.22
N SER A 555 -4.56 -14.78 25.49
CA SER A 555 -5.94 -14.80 25.00
C SER A 555 -6.02 -13.84 23.84
N ILE A 556 -7.02 -14.03 22.99
CA ILE A 556 -7.29 -13.01 21.98
C ILE A 556 -7.61 -11.67 22.62
N GLU A 557 -8.45 -11.69 23.67
CA GLU A 557 -8.83 -10.44 24.32
C GLU A 557 -7.63 -9.66 24.81
N LYS A 558 -6.74 -10.32 25.55
N LYS A 558 -6.70 -10.29 25.52
CA LYS A 558 -5.59 -9.62 26.11
CA LYS A 558 -5.61 -9.48 26.06
C LYS A 558 -4.68 -9.15 24.98
C LYS A 558 -4.60 -9.12 24.97
N ALA A 559 -4.36 -10.05 24.03
CA ALA A 559 -3.40 -9.72 22.99
C ALA A 559 -3.91 -8.61 22.06
N SER A 560 -5.23 -8.44 21.96
N SER A 560 -5.24 -8.45 21.98
CA SER A 560 -5.78 -7.36 21.15
CA SER A 560 -5.84 -7.38 21.19
C SER A 560 -5.49 -5.98 21.71
C SER A 560 -5.43 -5.99 21.68
N LYS A 561 -4.96 -5.88 22.93
CA LYS A 561 -4.49 -4.60 23.46
C LYS A 561 -3.08 -4.27 23.02
N GLY A 562 -2.43 -5.15 22.26
CA GLY A 562 -1.10 -4.89 21.73
C GLY A 562 0.02 -5.23 22.69
N GLY A 563 -0.18 -4.97 23.99
CA GLY A 563 0.72 -5.38 25.04
C GLY A 563 -0.09 -5.71 26.26
N TYR A 564 0.32 -6.72 27.01
CA TYR A 564 -0.46 -7.13 28.16
C TYR A 564 0.42 -7.87 29.14
N THR A 565 -0.04 -7.92 30.38
CA THR A 565 0.65 -8.66 31.43
C THR A 565 0.34 -10.13 31.27
N LEU A 566 1.33 -10.92 30.88
CA LEU A 566 1.18 -12.34 30.73
C LEU A 566 1.29 -13.05 32.07
N VAL A 567 2.33 -12.73 32.83
CA VAL A 567 2.55 -13.25 34.16
C VAL A 567 2.65 -12.06 35.09
N GLN A 568 1.66 -11.92 36.00
CA GLN A 568 1.63 -10.85 36.98
C GLN A 568 2.39 -11.32 38.22
N GLN A 569 3.27 -10.47 38.72
CA GLN A 569 4.01 -10.74 39.96
C GLN A 569 3.93 -9.48 40.80
N ASP A 570 3.10 -9.50 41.86
CA ASP A 570 2.95 -8.33 42.71
C ASP A 570 4.24 -7.92 43.39
N LYS A 571 5.13 -8.81 43.64
CA LYS A 571 6.34 -8.32 44.31
C LYS A 571 7.52 -8.41 43.36
N ALA A 572 7.33 -8.02 42.10
CA ALA A 572 8.36 -8.25 41.12
C ALA A 572 9.61 -7.47 41.44
N ASP A 573 10.75 -8.14 41.28
CA ASP A 573 12.07 -7.49 41.26
C ASP A 573 12.40 -6.98 39.87
N ILE A 574 11.73 -7.53 38.84
CA ILE A 574 11.98 -7.14 37.45
C ILE A 574 10.77 -7.57 36.67
N ILE A 575 10.49 -6.85 35.56
CA ILE A 575 9.53 -7.29 34.55
C ILE A 575 10.34 -7.52 33.29
N ILE A 576 10.09 -8.66 32.62
CA ILE A 576 10.67 -8.95 31.32
C ILE A 576 9.59 -8.73 30.28
N VAL A 577 9.86 -7.84 29.32
CA VAL A 577 8.95 -7.59 28.22
C VAL A 577 9.53 -8.24 26.98
N ALA A 578 8.71 -8.96 26.23
CA ALA A 578 9.21 -9.72 25.10
C ALA A 578 8.14 -9.84 24.04
N THR A 579 8.55 -10.30 22.87
CA THR A 579 7.66 -10.54 21.75
C THR A 579 7.91 -11.90 21.16
N GLY A 580 6.90 -12.42 20.46
CA GLY A 580 7.12 -13.55 19.59
C GLY A 580 7.77 -14.73 20.28
N SER A 581 8.76 -15.31 19.60
CA SER A 581 9.50 -16.44 20.12
C SER A 581 10.19 -16.17 21.45
N GLU A 582 10.43 -14.91 21.81
CA GLU A 582 11.12 -14.63 23.06
C GLU A 582 10.20 -14.57 24.27
N VAL A 583 8.87 -14.62 24.08
CA VAL A 583 8.00 -14.65 25.26
C VAL A 583 8.16 -15.97 26.01
N SER A 584 8.15 -17.09 25.28
CA SER A 584 8.37 -18.38 25.94
C SER A 584 9.75 -18.42 26.61
N LEU A 585 10.75 -17.81 25.96
CA LEU A 585 12.08 -17.72 26.55
C LEU A 585 12.03 -16.97 27.89
N ALA A 586 11.30 -15.83 27.91
CA ALA A 586 11.15 -15.07 29.14
C ALA A 586 10.48 -15.89 30.23
N VAL A 587 9.44 -16.64 29.89
CA VAL A 587 8.75 -17.48 30.87
C VAL A 587 9.70 -18.53 31.43
N ASP A 588 10.53 -19.15 30.57
CA ASP A 588 11.52 -20.08 31.06
C ASP A 588 12.57 -19.40 31.93
N ALA A 589 12.97 -18.20 31.57
CA ALA A 589 13.90 -17.44 32.40
C ALA A 589 13.34 -17.11 33.77
N LEU A 590 12.04 -16.82 33.85
CA LEU A 590 11.39 -16.55 35.13
C LEU A 590 11.65 -17.71 36.08
N LYS A 591 11.56 -18.95 35.58
CA LYS A 591 11.80 -20.09 36.44
C LYS A 591 13.27 -20.17 36.91
N VAL A 592 14.23 -19.91 36.01
CA VAL A 592 15.64 -19.86 36.44
C VAL A 592 15.84 -18.79 37.50
N LEU A 593 15.22 -17.62 37.30
CA LEU A 593 15.36 -16.52 38.26
C LEU A 593 14.80 -16.90 39.62
N GLU A 594 13.67 -17.60 39.64
CA GLU A 594 13.10 -17.99 40.92
C GLU A 594 14.11 -18.79 41.74
N GLY A 595 14.89 -19.65 41.09
CA GLY A 595 15.94 -20.42 41.76
C GLY A 595 17.09 -19.59 42.29
N GLN A 596 17.25 -18.37 41.77
CA GLN A 596 18.23 -17.38 42.19
C GLN A 596 17.63 -16.40 43.20
N GLY A 597 16.36 -16.59 43.61
CA GLY A 597 15.71 -15.69 44.53
C GLY A 597 15.20 -14.38 43.93
N ILE A 598 15.00 -14.33 42.62
CA ILE A 598 14.50 -13.15 41.93
C ILE A 598 13.11 -13.44 41.37
N LYS A 599 12.17 -12.56 41.68
CA LYS A 599 10.79 -12.72 41.22
C LYS A 599 10.58 -11.82 39.99
N ALA A 600 10.16 -12.42 38.89
CA ALA A 600 9.93 -11.67 37.67
C ALA A 600 8.47 -11.73 37.25
N GLY A 601 8.01 -10.66 36.62
CA GLY A 601 6.80 -10.69 35.82
C GLY A 601 7.18 -10.77 34.34
N VAL A 602 6.19 -11.11 33.52
CA VAL A 602 6.37 -11.14 32.06
C VAL A 602 5.26 -10.36 31.39
N VAL A 603 5.66 -9.48 30.45
CA VAL A 603 4.77 -8.77 29.56
C VAL A 603 5.01 -9.28 28.15
N SER A 604 3.92 -9.56 27.42
CA SER A 604 3.99 -9.84 26.01
C SER A 604 3.54 -8.62 25.24
N LEU A 605 4.32 -8.22 24.23
CA LEU A 605 4.08 -6.98 23.48
C LEU A 605 3.92 -7.29 21.98
N PRO A 606 2.87 -8.03 21.61
CA PRO A 606 2.76 -8.44 20.22
C PRO A 606 2.65 -7.32 19.21
N ASP A 607 2.12 -6.15 19.54
CA ASP A 607 2.17 -5.02 18.60
C ASP A 607 2.37 -3.73 19.35
N GLN A 608 3.53 -3.12 19.13
CA GLN A 608 3.86 -1.84 19.76
C GLN A 608 2.90 -0.73 19.38
N LEU A 609 2.47 -0.66 18.10
CA LEU A 609 1.57 0.43 17.71
C LEU A 609 0.23 0.32 18.44
N THR A 610 -0.37 -0.87 18.41
CA THR A 610 -1.63 -1.07 19.12
C THR A 610 -1.47 -0.73 20.60
N PHE A 611 -0.37 -1.20 21.21
CA PHE A 611 -0.14 -0.89 22.62
C PHE A 611 -0.08 0.62 22.85
N ASP A 612 0.67 1.32 22.00
CA ASP A 612 0.83 2.75 22.15
C ASP A 612 -0.49 3.48 22.13
N LYS A 613 -1.45 2.98 21.37
CA LYS A 613 -2.77 3.60 21.23
C LYS A 613 -3.68 3.35 22.43
N GLN A 614 -3.32 2.47 23.38
CA GLN A 614 -4.15 2.24 24.55
C GLN A 614 -4.05 3.45 25.49
N SER A 615 -4.94 3.50 26.48
CA SER A 615 -4.94 4.61 27.43
C SER A 615 -3.64 4.60 28.23
N GLU A 616 -3.28 5.79 28.72
CA GLU A 616 -2.08 5.93 29.55
C GLU A 616 -2.19 5.03 30.77
N GLU A 617 -3.36 4.98 31.36
CA GLU A 617 -3.53 4.14 32.54
C GLU A 617 -3.37 2.66 32.23
N TYR A 618 -3.95 2.18 31.10
CA TYR A 618 -3.74 0.78 30.74
C TYR A 618 -2.25 0.50 30.55
N LYS A 619 -1.58 1.39 29.81
CA LYS A 619 -0.16 1.15 29.52
C LYS A 619 0.65 1.09 30.79
N LEU A 620 0.38 1.99 31.76
CA LEU A 620 1.08 1.96 33.02
C LEU A 620 0.75 0.74 33.86
N SER A 621 -0.43 0.13 33.66
CA SER A 621 -0.74 -1.11 34.38
C SER A 621 0.14 -2.25 33.88
N VAL A 622 0.60 -2.16 32.63
CA VAL A 622 1.46 -3.17 32.02
C VAL A 622 2.93 -2.89 32.34
N LEU A 623 3.33 -1.62 32.27
CA LEU A 623 4.73 -1.20 32.50
C LEU A 623 4.71 -0.17 33.62
N PRO A 624 4.58 -0.62 34.88
CA PRO A 624 4.41 0.32 36.00
C PRO A 624 5.72 1.00 36.39
N ASP A 625 5.60 2.05 37.20
CA ASP A 625 6.73 2.62 37.90
C ASP A 625 7.24 1.66 38.96
N GLY A 626 8.50 1.89 39.40
CA GLY A 626 8.99 1.23 40.60
C GLY A 626 9.62 -0.13 40.39
N VAL A 627 9.86 -0.52 39.14
CA VAL A 627 10.42 -1.85 38.89
C VAL A 627 11.26 -1.80 37.63
N PRO A 628 12.48 -2.32 37.64
CA PRO A 628 13.25 -2.38 36.38
C PRO A 628 12.58 -3.28 35.35
N ILE A 629 12.72 -2.87 34.09
CA ILE A 629 12.11 -3.59 33.00
C ILE A 629 13.21 -3.91 31.98
N LEU A 630 13.30 -5.19 31.61
CA LEU A 630 14.25 -5.71 30.62
C LEU A 630 13.47 -6.17 29.39
N SER A 631 13.85 -5.70 28.19
CA SER A 631 13.28 -6.25 26.97
C SER A 631 14.12 -7.39 26.41
N VAL A 632 13.44 -8.35 25.77
CA VAL A 632 14.10 -9.48 25.12
C VAL A 632 13.43 -9.71 23.76
N GLU A 633 14.22 -9.58 22.69
CA GLU A 633 13.73 -9.82 21.31
C GLU A 633 14.99 -10.04 20.49
N VAL A 634 15.03 -11.11 19.69
CA VAL A 634 16.29 -11.54 19.04
C VAL A 634 16.59 -10.76 17.76
N MET A 635 16.50 -9.44 17.85
CA MET A 635 16.78 -8.55 16.75
CA MET A 635 16.79 -8.55 16.74
C MET A 635 17.18 -7.20 17.32
N SER A 636 17.24 -6.16 16.50
CA SER A 636 17.75 -4.88 16.95
C SER A 636 17.09 -4.42 18.25
N THR A 637 17.87 -3.76 19.09
CA THR A 637 17.33 -3.12 20.28
C THR A 637 16.72 -1.76 20.01
N PHE A 638 16.78 -1.23 18.77
CA PHE A 638 16.19 0.09 18.52
C PHE A 638 14.69 0.10 18.82
N GLY A 639 14.23 1.17 19.43
CA GLY A 639 12.82 1.32 19.80
C GLY A 639 12.51 0.82 21.19
N TRP A 640 13.29 -0.16 21.68
CA TRP A 640 12.85 -0.87 22.87
C TRP A 640 12.93 -0.05 24.14
N SER A 641 13.74 1.01 24.17
CA SER A 641 13.77 1.90 25.32
C SER A 641 12.45 2.61 25.56
N LYS A 642 11.52 2.61 24.59
CA LYS A 642 10.17 3.12 24.88
C LYS A 642 9.51 2.33 26.00
N TYR A 643 9.90 1.06 26.17
CA TYR A 643 9.18 0.11 27.00
C TYR A 643 10.02 -0.53 28.08
N SER A 644 11.33 -0.23 28.12
CA SER A 644 12.24 -0.94 28.98
C SER A 644 13.36 -0.03 29.42
N HIS A 645 14.02 -0.40 30.52
CA HIS A 645 15.22 0.27 31.00
C HIS A 645 16.49 -0.31 30.40
N GLN A 646 16.50 -1.62 30.23
CA GLN A 646 17.64 -2.34 29.63
C GLN A 646 17.11 -3.23 28.53
N GLN A 647 17.93 -3.48 27.51
CA GLN A 647 17.49 -4.22 26.33
C GLN A 647 18.46 -5.34 26.00
N PHE A 648 17.96 -6.55 25.89
CA PHE A 648 18.71 -7.70 25.38
C PHE A 648 18.22 -8.01 23.99
N GLY A 649 19.05 -7.68 22.99
CA GLY A 649 18.71 -7.93 21.61
C GLY A 649 19.91 -8.43 20.86
N LEU A 650 19.76 -8.48 19.53
CA LEU A 650 20.77 -8.97 18.62
C LEU A 650 21.05 -7.85 17.63
N ASN A 651 22.25 -7.25 17.73
CA ASN A 651 22.63 -6.07 16.96
C ASN A 651 23.78 -6.38 16.01
N ARG A 652 23.95 -7.63 15.64
CA ARG A 652 24.94 -8.13 14.69
C ARG A 652 24.19 -9.07 13.75
N PHE A 653 24.80 -9.39 12.60
CA PHE A 653 24.21 -10.33 11.68
C PHE A 653 24.21 -11.73 12.27
N GLY A 654 23.39 -12.59 11.67
CA GLY A 654 23.21 -13.95 12.15
C GLY A 654 24.26 -14.93 11.68
N ALA A 655 23.83 -16.18 11.45
CA ALA A 655 24.76 -17.26 11.18
C ALA A 655 24.01 -18.39 10.50
N SER A 656 24.73 -19.20 9.73
CA SER A 656 24.14 -20.38 9.11
C SER A 656 24.41 -21.62 9.95
N GLY A 657 23.36 -22.15 10.57
CA GLY A 657 23.47 -23.35 11.38
C GLY A 657 22.08 -23.70 11.88
N LYS A 658 22.01 -24.83 12.61
CA LYS A 658 20.73 -25.24 13.20
C LYS A 658 20.28 -24.17 14.19
N ALA A 659 19.02 -23.78 14.11
CA ALA A 659 18.56 -22.64 14.90
C ALA A 659 18.87 -22.73 16.39
N PRO A 660 18.62 -23.85 17.08
CA PRO A 660 18.89 -23.87 18.53
C PRO A 660 20.34 -23.56 18.85
N GLU A 661 21.24 -23.95 17.97
CA GLU A 661 22.66 -23.68 18.18
C GLU A 661 22.97 -22.18 18.02
N ILE A 662 22.25 -21.50 17.13
CA ILE A 662 22.44 -20.07 16.97
C ILE A 662 21.94 -19.33 18.21
N PHE A 663 20.75 -19.71 18.72
CA PHE A 663 20.27 -19.10 19.96
C PHE A 663 21.26 -19.29 21.09
N LYS A 664 21.83 -20.50 21.21
CA LYS A 664 22.79 -20.75 22.26
C LYS A 664 24.04 -19.87 22.07
N LEU A 665 24.53 -19.77 20.83
CA LEU A 665 25.71 -18.94 20.55
C LEU A 665 25.51 -17.52 21.07
N PHE A 666 24.34 -16.94 20.83
CA PHE A 666 24.08 -15.57 21.20
C PHE A 666 23.48 -15.43 22.60
N GLU A 667 23.41 -16.52 23.35
CA GLU A 667 22.98 -16.53 24.74
C GLU A 667 21.51 -16.18 24.91
N PHE A 668 20.70 -16.40 23.86
CA PHE A 668 19.24 -16.30 23.96
C PHE A 668 18.73 -17.64 24.47
N THR A 669 19.00 -17.87 25.76
CA THR A 669 18.68 -19.09 26.47
C THR A 669 18.06 -18.65 27.80
N PRO A 670 17.36 -19.56 28.49
CA PRO A 670 16.82 -19.16 29.81
C PRO A 670 17.88 -18.64 30.74
N GLU A 671 19.05 -19.29 30.75
CA GLU A 671 20.14 -18.86 31.63
C GLU A 671 20.71 -17.52 31.19
N GLY A 672 20.85 -17.29 29.86
CA GLY A 672 21.39 -16.02 29.40
C GLY A 672 20.47 -14.86 29.71
N VAL A 673 19.16 -15.07 29.53
CA VAL A 673 18.20 -14.04 29.90
C VAL A 673 18.21 -13.82 31.42
N ALA A 674 18.24 -14.90 32.19
CA ALA A 674 18.27 -14.74 33.65
C ALA A 674 19.50 -13.99 34.10
N GLU A 675 20.67 -14.28 33.48
CA GLU A 675 21.89 -13.58 33.90
C GLU A 675 21.73 -12.07 33.70
N ARG A 676 21.19 -11.67 32.55
CA ARG A 676 21.01 -10.25 32.25
C ARG A 676 19.92 -9.63 33.11
N ALA A 677 18.88 -10.40 33.43
CA ALA A 677 17.87 -9.92 34.37
C ALA A 677 18.47 -9.68 35.76
N ALA A 678 19.30 -10.60 36.22
CA ALA A 678 19.91 -10.42 37.53
C ALA A 678 20.83 -9.20 37.52
N LYS A 679 21.60 -9.01 36.43
CA LYS A 679 22.46 -7.84 36.32
C LYS A 679 21.65 -6.57 36.32
N THR A 680 20.46 -6.61 35.70
CA THR A 680 19.58 -5.46 35.68
C THR A 680 19.07 -5.13 37.07
N VAL A 681 18.62 -6.14 37.82
CA VAL A 681 18.21 -5.90 39.20
C VAL A 681 19.35 -5.26 40.01
N ALA A 682 20.58 -5.78 39.83
CA ALA A 682 21.71 -5.25 40.58
C ALA A 682 22.02 -3.81 40.19
N PHE A 683 21.90 -3.50 38.90
CA PHE A 683 22.25 -2.18 38.40
C PHE A 683 21.33 -1.11 38.98
N TYR A 684 20.08 -1.46 39.29
CA TYR A 684 19.12 -0.51 39.84
C TYR A 684 19.01 -0.58 41.35
N LYS A 685 19.79 -1.42 42.03
CA LYS A 685 19.81 -1.41 43.49
C LYS A 685 20.07 0.00 44.03
N GLY A 686 19.19 0.47 44.88
CA GLY A 686 19.35 1.79 45.47
C GLY A 686 19.06 2.94 44.53
N LYS A 687 18.45 2.67 43.37
CA LYS A 687 18.01 3.71 42.46
C LYS A 687 16.49 3.80 42.48
N ASP A 688 15.96 4.98 42.18
CA ASP A 688 14.52 5.16 42.02
C ASP A 688 14.21 4.98 40.53
N VAL A 689 13.30 4.07 40.23
CA VAL A 689 13.01 3.66 38.86
C VAL A 689 11.59 4.08 38.53
N VAL A 690 11.40 4.79 37.41
CA VAL A 690 10.06 5.11 36.93
C VAL A 690 9.82 4.43 35.59
N SER A 691 8.56 4.29 35.25
CA SER A 691 8.23 3.55 34.05
C SER A 691 8.95 4.16 32.83
N PRO A 692 9.40 3.32 31.88
CA PRO A 692 9.91 3.84 30.60
C PRO A 692 8.85 4.67 29.87
N LEU A 693 7.57 4.51 30.22
CA LEU A 693 6.52 5.28 29.59
C LEU A 693 6.52 6.73 30.02
N ARG A 694 7.19 7.09 31.12
CA ARG A 694 7.23 8.50 31.53
C ARG A 694 8.18 9.27 30.62
N SER A 695 7.91 10.56 30.46
N SER A 695 7.95 10.58 30.54
CA SER A 695 8.87 11.38 29.74
CA SER A 695 8.64 11.43 29.57
C SER A 695 8.75 12.80 30.24
C SER A 695 8.59 12.88 30.04
N ALA A 696 9.68 13.63 29.78
CA ALA A 696 9.73 15.03 30.19
C ALA A 696 8.80 15.90 29.39
N PHE A 697 8.44 15.46 28.19
CA PHE A 697 7.62 16.23 27.30
C PHE A 697 7.01 15.31 26.28
CA CA B . 13.92 -22.15 -11.84
C1 PEG C . -23.11 2.71 -1.45
O1 PEG C . -22.59 2.34 -0.20
C2 PEG C . -23.95 1.60 -2.07
O2 PEG C . -24.57 2.08 -3.24
C3 PEG C . -25.96 1.99 -3.19
C4 PEG C . -26.59 2.80 -4.30
O4 PEG C . -27.58 3.64 -3.77
C1 PEG D . -19.31 -12.10 -15.67
O1 PEG D . -20.21 -13.15 -15.51
C2 PEG D . -18.01 -12.37 -15.00
O2 PEG D . -17.19 -11.25 -15.20
C3 PEG D . -16.90 -11.07 -16.56
C4 PEG D . -15.96 -9.90 -16.81
O4 PEG D . -15.80 -9.82 -18.23
C1 PEG E . 2.41 -16.61 -23.36
O1 PEG E . 1.13 -16.08 -23.65
C2 PEG E . 3.54 -15.72 -23.87
O2 PEG E . 3.47 -14.40 -23.38
C3 PEG E . 4.60 -13.56 -23.52
C4 PEG E . 4.71 -12.79 -24.81
O4 PEG E . 4.84 -13.56 -25.95
O2A 8ML F . 15.29 -19.01 -9.01
PA 8ML F . 14.50 -20.24 -9.02
O1A 8ML F . 13.83 -20.56 -10.27
O3A 8ML F . 15.43 -21.45 -8.54
PB 8ML F . 15.37 -23.02 -8.86
O3B 8ML F . 16.29 -23.65 -7.96
O2B 8ML F . 15.50 -23.23 -10.27
O1B 8ML F . 13.92 -23.48 -8.47
O7 8ML F . 13.42 -20.18 -7.90
C7 8ML F . 13.98 -19.61 -6.67
C6 8ML F . 13.02 -19.52 -5.66
C5 8ML F . 13.52 -18.95 -4.40
S1 8ML F . 14.96 -19.67 -3.63
C2 8ML F . 14.62 -18.89 -2.12
CF2 8ML F . 15.15 -19.46 -0.77
OF2 8ML F . 15.06 -18.48 0.21
CF1 8ML F . 16.56 -19.89 -0.99
OF1 8ML F . 17.43 -18.78 -1.24
CF3 8ML F . 14.26 -20.65 -0.40
OF3 8ML F . 14.51 -21.78 -1.18
CF4 8ML F . 14.23 -21.06 1.05
OF4 8ML F . 15.51 -21.68 1.34
CF5 8ML F . 13.11 -22.02 1.41
OF5 8ML F . 11.88 -21.48 1.00
CF6 8ML F . 13.10 -22.30 2.90
OF6 8ML F . 12.13 -23.32 3.19
PF 8ML F . 11.57 -23.69 4.57
OF8 8ML F . 10.04 -23.55 4.44
OF7 8ML F . 11.97 -25.11 4.88
OF9 8ML F . 12.15 -22.73 5.56
N3 8ML F . 13.51 -18.06 -2.27
C4 8ML F . 12.83 -18.20 -3.52
CM4 8ML F . 11.61 -17.51 -3.79
C7' 8ML F . 13.15 -16.98 -1.36
C5' 8ML F . 13.59 -15.62 -1.75
C4' 8ML F . 14.98 -15.21 -1.82
N4' 8ML F . 15.97 -16.03 -1.58
N3' 8ML F . 15.32 -13.92 -2.15
C2' 8ML F . 14.38 -13.03 -2.35
CM2 8ML F . 14.69 -11.63 -2.60
N1' 8ML F . 13.06 -13.37 -2.30
C6' 8ML F . 12.67 -14.65 -2.00
#